data_9LHT
#
_entry.id   9LHT
#
_cell.length_a   1.00
_cell.length_b   1.00
_cell.length_c   1.00
_cell.angle_alpha   90.00
_cell.angle_beta   90.00
_cell.angle_gamma   90.00
#
_symmetry.space_group_name_H-M   'P 1'
#
loop_
_entity.id
_entity.type
_entity.pdbx_description
1 polymer 'Urea transporter 2'
2 non-polymer 5-ethanoyl-~{N}-[3-(phenylsulfonylamino)phenyl]furan-2-carboxamide
#
_entity_poly.entity_id   1
_entity_poly.type   'polypeptide(L)'
_entity_poly.pdbx_seq_one_letter_code
;MEESSEIKVETNISKTSWIRSSMAASGKRVSKALSYITGEMKECGEGLKDKSPVFQFFDWVLRGTSQVMFVNNPLSGILI
ILGLFIQNPWWAISGCLGTIMSTLTALILSQDKSAIAAGFHGYNGVLVGLLMAVFSDKGDYYWWLLLPVIIMSMSCPILS
SALGTIFSKWDLPVFTLPFNITVTLYLAATGHYNLFFPTTLLQPASAMPNITWSEVQVPLLLRAIPVGIGQVYGCDNPWT
GGIFLIALFISSPLICLHAAIGSTMGMLAALTIATPFDSIYFGLCGFNSTLACIAIGGMFYVITWQTHLLAIACALFAAY
LGAALANMLSVFGLPPCTWPFCLSALTFLLLTTNNPAIYKLPLSKVTYPEANRIYYLSQERNRRASIITKYQAYDVS
;
_entity_poly.pdbx_strand_id   A,B,C
#
# COMPACT_ATOMS: atom_id res chain seq x y z
N SER A 52 1.14 9.72 45.78
CA SER A 52 0.13 10.50 45.08
C SER A 52 0.13 10.18 43.60
N PRO A 53 -1.06 9.90 43.05
CA PRO A 53 -1.13 9.52 41.63
C PRO A 53 -0.64 10.60 40.67
N VAL A 54 -0.79 11.87 41.02
CA VAL A 54 -0.46 12.95 40.10
C VAL A 54 1.03 12.95 39.76
N PHE A 55 1.88 12.75 40.76
CA PHE A 55 3.32 12.70 40.51
C PHE A 55 3.66 11.53 39.60
N GLN A 56 3.03 10.38 39.82
CA GLN A 56 3.26 9.24 38.93
C GLN A 56 2.82 9.57 37.51
N PHE A 57 1.70 10.26 37.36
CA PHE A 57 1.24 10.62 36.03
C PHE A 57 2.22 11.53 35.31
N PHE A 58 2.74 12.54 36.01
CA PHE A 58 3.68 13.43 35.36
C PHE A 58 5.01 12.73 35.05
N ASP A 59 5.41 11.79 35.90
CA ASP A 59 6.55 10.95 35.55
C ASP A 59 6.29 10.18 34.26
N TRP A 60 5.07 9.68 34.11
CA TRP A 60 4.71 8.97 32.88
C TRP A 60 4.82 9.87 31.66
N VAL A 61 4.30 11.10 31.75
CA VAL A 61 4.38 11.96 30.57
C VAL A 61 5.82 12.36 30.27
N LEU A 62 6.65 12.56 31.30
CA LEU A 62 8.05 12.87 31.05
C LEU A 62 8.75 11.72 30.35
N ARG A 63 8.50 10.49 30.79
CA ARG A 63 9.10 9.34 30.13
C ARG A 63 8.62 9.23 28.69
N GLY A 64 7.33 9.49 28.47
CA GLY A 64 6.82 9.46 27.11
C GLY A 64 7.48 10.49 26.21
N THR A 65 7.73 11.69 26.74
CA THR A 65 8.45 12.68 25.96
C THR A 65 9.87 12.23 25.66
N SER A 66 10.53 11.62 26.62
CA SER A 66 11.92 11.18 26.40
C SER A 66 11.98 10.05 25.38
N GLN A 67 10.98 9.17 25.38
CA GLN A 67 11.03 7.98 24.52
C GLN A 67 10.98 8.18 23.01
N VAL A 68 11.14 9.41 22.56
CA VAL A 68 11.18 9.66 21.12
C VAL A 68 12.49 9.13 20.52
N MET A 69 13.59 9.28 21.25
CA MET A 69 14.91 8.84 20.79
C MET A 69 15.41 7.62 21.55
N PHE A 70 14.50 6.70 21.87
CA PHE A 70 14.83 5.43 22.51
C PHE A 70 15.54 5.61 23.85
N VAL A 71 15.19 6.62 24.63
CA VAL A 71 15.80 6.86 25.94
C VAL A 71 14.70 6.96 26.97
N ASN A 72 14.86 6.25 28.08
CA ASN A 72 13.85 6.13 29.13
C ASN A 72 14.40 6.72 30.42
N ASN A 73 14.23 8.04 30.60
CA ASN A 73 14.76 8.73 31.77
C ASN A 73 14.08 10.08 31.94
N PRO A 74 13.53 10.38 33.13
CA PRO A 74 12.85 11.67 33.32
C PRO A 74 13.74 12.88 33.11
N LEU A 75 15.03 12.80 33.49
CA LEU A 75 15.91 13.94 33.34
C LEU A 75 16.07 14.31 31.86
N SER A 76 16.20 13.29 31.01
CA SER A 76 16.25 13.55 29.58
C SER A 76 14.98 14.23 29.10
N GLY A 77 13.83 13.84 29.65
CA GLY A 77 12.59 14.50 29.30
C GLY A 77 12.58 15.97 29.68
N ILE A 78 13.08 16.27 30.88
CA ILE A 78 13.17 17.67 31.30
C ILE A 78 14.05 18.45 30.34
N LEU A 79 15.18 17.88 29.94
CA LEU A 79 16.06 18.57 29.00
C LEU A 79 15.37 18.78 27.65
N ILE A 80 14.63 17.78 27.18
CA ILE A 80 13.92 17.92 25.90
C ILE A 80 12.91 19.05 25.98
N ILE A 81 12.16 19.12 27.08
CA ILE A 81 11.18 20.19 27.23
C ILE A 81 11.86 21.55 27.28
N LEU A 82 13.02 21.63 27.95
CA LEU A 82 13.75 22.88 27.98
C LEU A 82 14.17 23.30 26.58
N GLY A 83 14.65 22.36 25.78
CA GLY A 83 15.01 22.69 24.40
C GLY A 83 13.82 23.16 23.59
N LEU A 84 12.68 22.47 23.72
CA LEU A 84 11.49 22.87 22.98
C LEU A 84 11.07 24.28 23.36
N PHE A 85 11.07 24.59 24.66
CA PHE A 85 10.73 25.95 25.07
C PHE A 85 11.76 26.97 24.62
N ILE A 86 13.01 26.56 24.42
CA ILE A 86 13.97 27.47 23.81
C ILE A 86 13.57 27.77 22.38
N GLN A 87 13.13 26.75 21.63
CA GLN A 87 12.77 26.94 20.23
C GLN A 87 11.60 27.90 20.02
N ASN A 88 10.39 27.48 20.40
CA ASN A 88 9.15 28.23 20.20
C ASN A 88 8.15 27.80 21.26
N PRO A 89 7.70 28.71 22.12
CA PRO A 89 6.77 28.30 23.19
C PRO A 89 5.48 27.66 22.70
N TRP A 90 4.92 28.14 21.59
CA TRP A 90 3.66 27.60 21.10
C TRP A 90 3.80 26.14 20.71
N TRP A 91 4.91 25.79 20.05
CA TRP A 91 5.14 24.40 19.67
C TRP A 91 5.25 23.50 20.89
N ALA A 92 5.93 23.97 21.93
CA ALA A 92 6.06 23.20 23.16
C ALA A 92 4.71 22.99 23.82
N ILE A 93 3.88 24.02 23.84
CA ILE A 93 2.54 23.89 24.42
C ILE A 93 1.76 22.81 23.68
N SER A 94 1.78 22.87 22.34
CA SER A 94 1.03 21.90 21.55
C SER A 94 1.54 20.49 21.80
N GLY A 95 2.85 20.30 21.84
CA GLY A 95 3.40 18.97 22.05
C GLY A 95 3.06 18.40 23.41
N CYS A 96 3.19 19.23 24.46
CA CYS A 96 2.85 18.74 25.80
C CYS A 96 1.38 18.38 25.90
N LEU A 97 0.51 19.20 25.31
CA LEU A 97 -0.91 18.86 25.32
C LEU A 97 -1.16 17.55 24.61
N GLY A 98 -0.51 17.34 23.47
CA GLY A 98 -0.69 16.10 22.74
C GLY A 98 -0.28 14.89 23.54
N THR A 99 0.89 14.94 24.19
CA THR A 99 1.34 13.77 24.93
C THR A 99 0.45 13.51 26.13
N ILE A 100 0.00 14.56 26.82
CA ILE A 100 -0.90 14.38 27.96
C ILE A 100 -2.17 13.69 27.53
N MET A 101 -2.79 14.18 26.44
CA MET A 101 -4.05 13.59 26.01
C MET A 101 -3.86 12.16 25.53
N SER A 102 -2.76 11.88 24.84
CA SER A 102 -2.52 10.51 24.38
C SER A 102 -2.37 9.55 25.55
N THR A 103 -1.61 9.95 26.57
CA THR A 103 -1.45 9.08 27.74
C THR A 103 -2.78 8.85 28.44
N LEU A 104 -3.59 9.91 28.58
CA LEU A 104 -4.88 9.75 29.25
C LEU A 104 -5.79 8.81 28.48
N THR A 105 -5.82 8.93 27.14
CA THR A 105 -6.65 8.05 26.34
C THR A 105 -6.18 6.61 26.45
N ALA A 106 -4.85 6.39 26.44
CA ALA A 106 -4.34 5.04 26.61
C ALA A 106 -4.74 4.47 27.96
N LEU A 107 -4.72 5.29 29.00
CA LEU A 107 -5.15 4.82 30.31
C LEU A 107 -6.63 4.46 30.31
N ILE A 108 -7.45 5.27 29.65
CA ILE A 108 -8.89 5.00 29.61
C ILE A 108 -9.18 3.68 28.89
N LEU A 109 -8.51 3.45 27.76
CA LEU A 109 -8.76 2.21 27.03
C LEU A 109 -8.25 0.98 27.75
N SER A 110 -7.48 1.13 28.83
CA SER A 110 -7.03 0.03 29.67
C SER A 110 -6.18 -0.97 28.89
N GLN A 111 -5.06 -0.48 28.38
CA GLN A 111 -4.05 -1.33 27.79
C GLN A 111 -3.16 -1.89 28.90
N ASP A 112 -2.02 -2.46 28.52
CA ASP A 112 -1.10 -3.01 29.51
C ASP A 112 -0.58 -1.93 30.45
N LYS A 113 -0.42 -2.29 31.71
CA LYS A 113 0.05 -1.35 32.73
C LYS A 113 1.53 -1.03 32.61
N SER A 114 2.36 -2.06 32.40
CA SER A 114 3.79 -1.82 32.32
C SER A 114 4.16 -0.96 31.13
N ALA A 115 3.48 -1.15 30.00
CA ALA A 115 3.76 -0.35 28.82
C ALA A 115 3.50 1.12 29.08
N ILE A 116 2.37 1.44 29.72
CA ILE A 116 2.09 2.84 30.06
C ILE A 116 3.10 3.36 31.05
N ALA A 117 3.43 2.56 32.07
CA ALA A 117 4.38 3.00 33.08
C ALA A 117 5.78 3.22 32.51
N ALA A 118 6.11 2.58 31.40
CA ALA A 118 7.41 2.78 30.76
C ALA A 118 7.39 3.90 29.73
N GLY A 119 6.21 4.39 29.36
CA GLY A 119 6.12 5.51 28.45
C GLY A 119 5.93 5.17 26.99
N PHE A 120 5.65 3.92 26.66
CA PHE A 120 5.50 3.54 25.26
C PHE A 120 4.30 4.17 24.59
N HIS A 121 3.35 4.71 25.35
CA HIS A 121 2.14 5.27 24.79
C HIS A 121 2.17 6.78 24.68
N GLY A 122 3.29 7.42 25.03
CA GLY A 122 3.32 8.87 25.04
C GLY A 122 4.23 9.51 24.01
N TYR A 123 5.01 8.70 23.29
CA TYR A 123 5.97 9.25 22.34
C TYR A 123 5.37 9.53 20.98
N ASN A 124 4.08 9.27 20.80
CA ASN A 124 3.41 9.63 19.55
C ASN A 124 2.59 10.90 19.65
N GLY A 125 2.12 11.27 20.85
CA GLY A 125 1.37 12.49 21.00
C GLY A 125 2.22 13.73 20.80
N VAL A 126 3.44 13.72 21.32
CA VAL A 126 4.29 14.90 21.21
C VAL A 126 4.62 15.20 19.76
N LEU A 127 4.89 14.16 18.97
CA LEU A 127 5.22 14.37 17.57
C LEU A 127 4.04 14.91 16.79
N VAL A 128 2.84 14.37 17.04
CA VAL A 128 1.68 14.83 16.30
C VAL A 128 1.34 16.27 16.67
N GLY A 129 1.49 16.62 17.94
CA GLY A 129 1.28 18.00 18.34
C GLY A 129 2.27 18.95 17.70
N LEU A 130 3.56 18.59 17.73
CA LEU A 130 4.57 19.46 17.16
C LEU A 130 4.38 19.64 15.66
N LEU A 131 4.12 18.55 14.94
CA LEU A 131 3.96 18.66 13.49
C LEU A 131 2.65 19.31 13.09
N MET A 132 1.62 19.27 13.94
CA MET A 132 0.44 20.06 13.64
C MET A 132 0.69 21.53 13.89
N ALA A 133 1.52 21.87 14.88
CA ALA A 133 1.85 23.26 15.11
C ALA A 133 2.83 23.82 14.10
N VAL A 134 3.60 22.97 13.42
CA VAL A 134 4.60 23.48 12.48
C VAL A 134 3.96 23.85 11.14
N PHE A 135 3.23 22.92 10.54
CA PHE A 135 2.61 23.17 9.24
C PHE A 135 1.26 23.86 9.45
N SER A 136 1.34 25.12 9.86
CA SER A 136 0.14 25.93 10.05
C SER A 136 0.39 27.33 9.50
N ASP A 137 -0.56 27.82 8.71
CA ASP A 137 -0.42 29.11 8.06
C ASP A 137 -1.01 30.25 8.87
N LYS A 138 -1.76 29.95 9.93
CA LYS A 138 -2.42 31.02 10.68
C LYS A 138 -1.44 31.82 11.52
N GLY A 139 -0.33 31.24 11.91
CA GLY A 139 0.68 31.95 12.66
C GLY A 139 0.73 31.50 14.11
N ASP A 140 1.48 32.25 14.90
CA ASP A 140 1.65 31.93 16.31
C ASP A 140 0.39 32.28 17.08
N TYR A 141 0.08 31.44 18.07
CA TYR A 141 -1.01 31.67 19.01
C TYR A 141 -2.36 31.78 18.30
N TYR A 142 -2.74 30.68 17.66
CA TYR A 142 -4.07 30.50 17.07
C TYR A 142 -4.76 29.44 17.92
N TRP A 143 -5.51 29.88 18.93
CA TRP A 143 -5.95 28.97 19.98
C TRP A 143 -6.84 27.85 19.45
N TRP A 144 -7.63 28.12 18.41
CA TRP A 144 -8.54 27.09 17.89
C TRP A 144 -7.80 25.84 17.47
N LEU A 145 -6.52 25.95 17.12
CA LEU A 145 -5.75 24.78 16.71
C LEU A 145 -5.68 23.73 17.81
N LEU A 146 -5.90 24.11 19.06
CA LEU A 146 -5.88 23.13 20.14
C LEU A 146 -7.06 22.19 20.11
N LEU A 147 -8.09 22.46 19.29
CA LEU A 147 -9.22 21.55 19.25
C LEU A 147 -8.89 20.27 18.48
N PRO A 148 -8.39 20.35 17.24
CA PRO A 148 -8.02 19.11 16.55
C PRO A 148 -6.93 18.32 17.25
N VAL A 149 -6.01 19.00 17.93
CA VAL A 149 -4.91 18.29 18.60
C VAL A 149 -5.45 17.32 19.65
N ILE A 150 -6.53 17.70 20.33
CA ILE A 150 -7.15 16.78 21.29
C ILE A 150 -7.70 15.56 20.57
N ILE A 151 -8.30 15.75 19.40
CA ILE A 151 -9.01 14.64 18.75
C ILE A 151 -8.00 13.65 18.17
N MET A 152 -7.12 14.11 17.28
CA MET A 152 -6.23 13.20 16.58
C MET A 152 -5.30 12.46 17.54
N SER A 153 -4.94 13.11 18.65
CA SER A 153 -4.10 12.44 19.64
C SER A 153 -4.79 11.17 20.16
N MET A 154 -6.10 11.23 20.34
CA MET A 154 -6.84 10.06 20.80
C MET A 154 -6.72 8.89 19.83
N SER A 155 -6.35 9.14 18.59
CA SER A 155 -6.21 8.08 17.60
C SER A 155 -4.85 7.39 17.66
N CYS A 156 -3.94 7.85 18.52
CA CYS A 156 -2.64 7.22 18.60
C CYS A 156 -2.67 5.93 19.42
N PRO A 157 -3.31 5.90 20.60
CA PRO A 157 -3.37 4.63 21.33
C PRO A 157 -4.10 3.53 20.58
N ILE A 158 -5.11 3.87 19.79
CA ILE A 158 -5.86 2.83 19.08
C ILE A 158 -5.01 2.16 18.02
N LEU A 159 -4.46 2.96 17.10
CA LEU A 159 -3.71 2.40 15.98
C LEU A 159 -2.50 1.60 16.47
N SER A 160 -1.76 2.16 17.43
CA SER A 160 -0.59 1.47 17.95
C SER A 160 -0.96 0.15 18.62
N SER A 161 -2.23 -0.03 18.99
CA SER A 161 -2.66 -1.33 19.47
C SER A 161 -2.99 -2.26 18.31
N ALA A 162 -3.70 -1.75 17.31
CA ALA A 162 -4.13 -2.61 16.20
C ALA A 162 -2.94 -3.22 15.49
N LEU A 163 -1.99 -2.39 15.06
CA LEU A 163 -0.78 -2.91 14.43
C LEU A 163 -0.07 -3.88 15.35
N GLY A 164 -0.16 -3.67 16.66
CA GLY A 164 0.48 -4.56 17.60
C GLY A 164 0.01 -6.00 17.50
N THR A 165 -1.23 -6.21 17.07
CA THR A 165 -1.70 -7.58 16.88
C THR A 165 -1.15 -8.20 15.61
N ILE A 166 -0.86 -7.39 14.60
CA ILE A 166 -0.37 -7.93 13.33
C ILE A 166 1.11 -8.25 13.43
N PHE A 167 1.90 -7.32 13.96
CA PHE A 167 3.35 -7.47 13.97
C PHE A 167 3.83 -8.51 14.98
N SER A 168 3.01 -8.89 15.95
CA SER A 168 3.45 -9.83 16.98
C SER A 168 3.73 -11.21 16.42
N LYS A 169 3.18 -11.55 15.26
CA LYS A 169 3.48 -12.84 14.66
C LYS A 169 4.97 -12.98 14.36
N TRP A 170 5.58 -11.94 13.79
CA TRP A 170 6.99 -11.97 13.45
C TRP A 170 7.86 -11.30 14.51
N ASP A 171 7.28 -10.89 15.63
CA ASP A 171 8.02 -10.32 16.75
C ASP A 171 8.79 -9.09 16.28
N LEU A 172 8.04 -8.06 15.92
CA LEU A 172 8.56 -6.78 15.47
C LEU A 172 7.88 -5.63 16.22
N PRO A 173 8.53 -4.48 16.33
CA PRO A 173 7.90 -3.34 16.99
C PRO A 173 7.12 -2.46 16.02
N VAL A 174 6.30 -1.59 16.58
CA VAL A 174 5.54 -0.60 15.82
C VAL A 174 6.27 0.72 16.01
N PHE A 175 7.18 1.02 15.09
CA PHE A 175 8.13 2.09 15.31
C PHE A 175 7.48 3.46 15.45
N THR A 176 6.94 4.02 14.35
CA THR A 176 6.34 5.33 14.41
C THR A 176 5.12 5.39 13.47
N LEU A 177 4.62 4.24 13.06
CA LEU A 177 3.54 4.22 12.07
C LEU A 177 2.29 4.97 12.50
N PRO A 178 1.80 4.89 13.75
CA PRO A 178 0.59 5.65 14.11
C PRO A 178 0.74 7.15 13.89
N PHE A 179 1.89 7.72 14.23
CA PHE A 179 2.09 9.15 14.04
C PHE A 179 2.04 9.51 12.56
N ASN A 180 2.68 8.70 11.72
CA ASN A 180 2.67 8.96 10.28
C ASN A 180 1.24 8.90 9.75
N ILE A 181 0.49 7.86 10.13
CA ILE A 181 -0.85 7.71 9.60
C ILE A 181 -1.73 8.88 10.03
N THR A 182 -1.68 9.26 11.31
CA THR A 182 -2.54 10.33 11.80
C THR A 182 -2.18 11.67 11.14
N VAL A 183 -0.89 11.98 11.04
CA VAL A 183 -0.51 13.28 10.50
C VAL A 183 -0.81 13.36 9.01
N THR A 184 -0.56 12.28 8.27
CA THR A 184 -0.92 12.27 6.86
C THR A 184 -2.42 12.43 6.69
N LEU A 185 -3.21 11.74 7.50
CA LEU A 185 -4.66 11.87 7.42
C LEU A 185 -5.10 13.31 7.64
N TYR A 186 -4.59 13.95 8.70
CA TYR A 186 -5.02 15.31 9.00
C TYR A 186 -4.60 16.29 7.92
N LEU A 187 -3.32 16.23 7.51
CA LEU A 187 -2.82 17.18 6.52
C LEU A 187 -3.53 17.02 5.19
N ALA A 188 -3.83 15.78 4.79
CA ALA A 188 -4.56 15.58 3.54
C ALA A 188 -6.01 16.01 3.67
N ALA A 189 -6.63 15.82 4.83
CA ALA A 189 -8.03 16.17 5.00
C ALA A 189 -8.24 17.67 4.98
N THR A 190 -7.32 18.43 5.58
CA THR A 190 -7.52 19.86 5.66
C THR A 190 -7.15 20.55 4.35
N GLY A 191 -5.89 20.47 3.95
CA GLY A 191 -5.45 21.06 2.71
C GLY A 191 -5.16 22.54 2.83
N HIS A 192 -4.53 23.09 1.78
CA HIS A 192 -4.20 24.51 1.77
C HIS A 192 -5.44 25.37 1.56
N TYR A 193 -6.37 24.93 0.72
CA TYR A 193 -7.56 25.72 0.41
C TYR A 193 -8.69 25.39 1.38
N ASN A 194 -8.42 25.61 2.66
CA ASN A 194 -9.36 25.36 3.73
C ASN A 194 -9.73 26.67 4.41
N LEU A 195 -10.93 26.71 4.98
CA LEU A 195 -11.44 27.93 5.57
C LEU A 195 -11.16 28.05 7.06
N PHE A 196 -10.71 26.98 7.72
CA PHE A 196 -10.53 26.98 9.16
C PHE A 196 -9.10 26.71 9.59
N PHE A 197 -8.46 25.69 9.04
CA PHE A 197 -7.09 25.31 9.42
C PHE A 197 -6.24 25.17 8.17
N PRO A 198 -5.89 26.28 7.52
CA PRO A 198 -5.09 26.19 6.30
C PRO A 198 -3.68 25.70 6.58
N THR A 199 -3.07 25.09 5.58
CA THR A 199 -1.72 24.56 5.67
C THR A 199 -0.80 25.27 4.69
N THR A 200 0.51 25.16 4.94
CA THR A 200 1.50 25.77 4.07
C THR A 200 1.64 24.97 2.77
N LEU A 201 2.31 25.58 1.80
CA LEU A 201 2.37 24.98 0.49
C LEU A 201 3.59 24.26 0.04
N LEU A 202 3.42 23.03 -0.39
CA LEU A 202 4.49 22.22 -0.97
C LEU A 202 4.12 21.93 -2.41
N GLN A 203 5.09 22.17 -3.28
CA GLN A 203 4.85 22.02 -4.69
C GLN A 203 5.96 21.18 -5.39
N PRO A 204 5.63 20.29 -6.37
CA PRO A 204 6.68 19.54 -7.07
C PRO A 204 7.57 20.45 -7.90
N ALA A 205 8.83 20.04 -8.05
CA ALA A 205 9.79 20.82 -8.81
C ALA A 205 9.40 20.89 -10.27
N SER A 206 9.72 22.02 -10.92
CA SER A 206 9.30 22.26 -12.29
C SER A 206 10.43 22.67 -13.22
N ALA A 207 11.61 23.01 -12.71
CA ALA A 207 12.71 23.44 -13.56
C ALA A 207 14.01 22.89 -13.02
N MET A 208 15.01 22.86 -13.88
CA MET A 208 16.31 22.32 -13.49
C MET A 208 16.97 23.22 -12.46
N PRO A 209 17.35 22.70 -11.29
CA PRO A 209 17.91 23.56 -10.24
C PRO A 209 19.20 24.25 -10.64
N ASN A 210 19.53 25.34 -9.96
CA ASN A 210 20.77 26.08 -10.21
C ASN A 210 21.75 25.89 -9.05
N ILE A 211 22.85 25.19 -9.33
CA ILE A 211 23.85 24.89 -8.32
C ILE A 211 25.21 25.34 -8.86
N THR A 212 25.93 26.13 -8.07
CA THR A 212 27.29 26.52 -8.40
C THR A 212 28.21 26.00 -7.29
N TRP A 213 29.05 25.03 -7.63
CA TRP A 213 29.86 24.38 -6.60
C TRP A 213 30.93 25.28 -6.03
N SER A 214 31.15 26.46 -6.62
CA SER A 214 32.14 27.39 -6.09
C SER A 214 31.64 28.17 -4.90
N GLU A 215 30.37 28.02 -4.52
CA GLU A 215 29.80 28.76 -3.40
C GLU A 215 29.52 27.90 -2.18
N VAL A 216 29.90 26.62 -2.19
CA VAL A 216 29.68 25.77 -1.03
C VAL A 216 30.52 26.27 0.13
N GLN A 217 29.94 26.27 1.33
CA GLN A 217 30.57 26.81 2.52
C GLN A 217 30.73 25.69 3.54
N VAL A 218 31.99 25.30 3.80
CA VAL A 218 32.25 24.21 4.74
C VAL A 218 31.68 24.48 6.12
N PRO A 219 31.76 25.70 6.71
CA PRO A 219 31.17 25.92 8.03
C PRO A 219 29.77 25.38 8.20
N LEU A 220 28.82 25.80 7.37
CA LEU A 220 27.45 25.34 7.53
C LEU A 220 27.29 23.87 7.20
N LEU A 221 28.08 23.36 6.26
CA LEU A 221 28.00 21.93 5.95
C LEU A 221 28.35 21.09 7.16
N LEU A 222 29.38 21.50 7.91
CA LEU A 222 29.66 20.83 9.17
C LEU A 222 28.59 21.10 10.21
N ARG A 223 28.04 22.32 10.21
CA ARG A 223 26.99 22.68 11.15
C ARG A 223 25.74 21.84 10.99
N ALA A 224 25.53 21.26 9.81
CA ALA A 224 24.30 20.53 9.53
C ALA A 224 24.09 19.31 10.43
N ILE A 225 25.06 18.92 11.25
CA ILE A 225 24.90 17.72 12.08
C ILE A 225 24.04 18.00 13.31
N PRO A 226 24.35 18.99 14.16
CA PRO A 226 23.44 19.27 15.28
C PRO A 226 22.04 19.66 14.86
N VAL A 227 21.90 20.44 13.78
CA VAL A 227 20.55 20.75 13.30
C VAL A 227 19.87 19.50 12.81
N GLY A 228 20.63 18.60 12.19
CA GLY A 228 20.05 17.34 11.74
C GLY A 228 19.51 16.51 12.89
N ILE A 229 20.24 16.47 14.00
CA ILE A 229 19.77 15.68 15.13
C ILE A 229 18.65 16.42 15.86
N GLY A 230 18.61 17.75 15.75
CA GLY A 230 17.53 18.50 16.36
C GLY A 230 16.24 18.47 15.58
N GLN A 231 16.25 18.18 14.29
CA GLN A 231 15.05 18.17 13.44
C GLN A 231 14.20 16.95 13.70
N VAL A 232 14.60 16.09 14.61
CA VAL A 232 13.74 14.98 14.95
C VAL A 232 12.42 15.47 15.56
N TYR A 233 12.49 16.52 16.36
CA TYR A 233 11.30 17.11 16.97
C TYR A 233 10.74 18.28 16.17
N GLY A 234 11.35 18.61 15.04
CA GLY A 234 10.88 19.71 14.23
C GLY A 234 11.56 21.04 14.47
N CYS A 235 12.54 21.11 15.36
CA CYS A 235 13.25 22.34 15.64
C CYS A 235 14.43 22.50 14.69
N ASP A 236 14.86 23.75 14.51
CA ASP A 236 15.92 24.06 13.55
C ASP A 236 17.00 24.97 14.13
N ASN A 237 17.14 25.01 15.43
CA ASN A 237 18.13 25.89 16.04
C ASN A 237 19.32 25.07 16.50
N PRO A 238 20.56 25.52 16.27
CA PRO A 238 21.71 24.74 16.77
C PRO A 238 21.70 24.52 18.27
N TRP A 239 21.22 25.49 19.05
CA TRP A 239 21.26 25.37 20.50
C TRP A 239 20.41 24.20 20.97
N THR A 240 19.20 24.03 20.41
CA THR A 240 18.38 22.90 20.82
C THR A 240 18.98 21.59 20.36
N GLY A 241 19.72 21.60 19.24
CA GLY A 241 20.43 20.40 18.84
C GLY A 241 21.50 20.00 19.85
N GLY A 242 22.27 20.97 20.31
CA GLY A 242 23.27 20.67 21.33
C GLY A 242 22.64 20.18 22.62
N ILE A 243 21.54 20.80 23.03
CA ILE A 243 20.86 20.38 24.25
C ILE A 243 20.36 18.94 24.10
N PHE A 244 19.80 18.61 22.94
CA PHE A 244 19.33 17.25 22.71
C PHE A 244 20.49 16.26 22.75
N LEU A 245 21.64 16.65 22.18
CA LEU A 245 22.80 15.77 22.22
C LEU A 245 23.23 15.51 23.65
N ILE A 246 23.26 16.55 24.48
CA ILE A 246 23.61 16.36 25.89
C ILE A 246 22.61 15.45 26.58
N ALA A 247 21.32 15.65 26.31
CA ALA A 247 20.30 14.84 26.95
C ALA A 247 20.45 13.38 26.57
N LEU A 248 20.78 13.10 25.31
CA LEU A 248 21.05 11.73 24.90
C LEU A 248 22.28 11.18 25.60
N PHE A 249 23.33 12.00 25.72
CA PHE A 249 24.58 11.49 26.28
C PHE A 249 24.48 11.19 27.76
N ILE A 250 23.59 11.89 28.49
CA ILE A 250 23.46 11.63 29.92
C ILE A 250 23.10 10.17 30.18
N SER A 251 22.22 9.60 29.35
CA SER A 251 21.74 8.25 29.60
C SER A 251 22.65 7.17 29.05
N SER A 252 23.04 7.26 27.78
CA SER A 252 23.85 6.21 27.18
C SER A 252 24.73 6.76 26.06
N PRO A 253 26.05 6.66 26.17
CA PRO A 253 26.93 7.23 25.14
C PRO A 253 26.74 6.62 23.76
N LEU A 254 26.41 5.33 23.70
CA LEU A 254 26.35 4.66 22.40
C LEU A 254 25.26 5.27 21.52
N ILE A 255 24.12 5.60 22.11
CA ILE A 255 23.03 6.21 21.35
C ILE A 255 23.46 7.56 20.79
N CYS A 256 24.16 8.36 21.59
CA CYS A 256 24.63 9.67 21.11
C CYS A 256 25.61 9.52 19.97
N LEU A 257 26.58 8.61 20.11
CA LEU A 257 27.56 8.41 19.05
C LEU A 257 26.89 7.94 17.76
N HIS A 258 25.95 7.01 17.87
CA HIS A 258 25.30 6.50 16.67
C HIS A 258 24.40 7.56 16.04
N ALA A 259 23.79 8.42 16.84
CA ALA A 259 23.01 9.52 16.29
C ALA A 259 23.90 10.46 15.49
N ALA A 260 25.07 10.81 16.03
CA ALA A 260 25.97 11.68 15.30
C ALA A 260 26.43 11.04 13.99
N ILE A 261 26.79 9.76 14.04
CA ILE A 261 27.24 9.07 12.84
C ILE A 261 26.13 9.01 11.79
N GLY A 262 24.91 8.74 12.23
CA GLY A 262 23.79 8.70 11.30
C GLY A 262 23.51 10.04 10.66
N SER A 263 23.59 11.12 11.44
CA SER A 263 23.39 12.45 10.87
C SER A 263 24.46 12.77 9.84
N THR A 264 25.72 12.43 10.13
CA THR A 264 26.77 12.67 9.16
C THR A 264 26.55 11.86 7.90
N MET A 265 26.12 10.60 8.04
CA MET A 265 25.85 9.76 6.88
C MET A 265 24.73 10.36 6.03
N GLY A 266 23.67 10.84 6.68
CA GLY A 266 22.59 11.45 5.94
C GLY A 266 23.03 12.71 5.21
N MET A 267 23.85 13.53 5.84
CA MET A 267 24.33 14.73 5.18
C MET A 267 25.22 14.41 3.98
N LEU A 268 26.08 13.40 4.11
CA LEU A 268 26.95 13.04 2.99
C LEU A 268 26.16 12.41 1.85
N ALA A 269 25.15 11.61 2.16
CA ALA A 269 24.42 10.90 1.13
C ALA A 269 23.65 11.83 0.19
N ALA A 270 23.37 13.06 0.60
CA ALA A 270 22.57 13.96 -0.21
C ALA A 270 23.39 14.77 -1.20
N LEU A 271 24.72 14.71 -1.11
CA LEU A 271 25.55 15.45 -2.06
C LEU A 271 25.86 14.65 -3.32
N THR A 272 25.41 13.40 -3.40
CA THR A 272 25.64 12.58 -4.58
C THR A 272 24.50 12.63 -5.57
N ILE A 273 23.42 13.36 -5.27
CA ILE A 273 22.33 13.51 -6.21
C ILE A 273 21.97 14.99 -6.42
N ALA A 274 22.89 15.88 -6.09
CA ALA A 274 22.78 17.31 -6.38
C ALA A 274 21.52 17.92 -5.76
N THR A 275 21.32 17.63 -4.50
CA THR A 275 20.24 18.27 -3.75
C THR A 275 20.56 19.76 -3.57
N PRO A 276 19.56 20.63 -3.69
CA PRO A 276 19.81 22.05 -3.44
C PRO A 276 20.34 22.30 -2.04
N PHE A 277 21.23 23.29 -1.93
CA PHE A 277 21.98 23.47 -0.69
C PHE A 277 21.08 23.91 0.46
N ASP A 278 19.96 24.57 0.18
CA ASP A 278 19.12 25.07 1.25
C ASP A 278 18.56 23.94 2.10
N SER A 279 18.14 22.85 1.47
CA SER A 279 17.60 21.73 2.22
C SER A 279 18.67 21.11 3.13
N ILE A 280 19.91 21.01 2.65
CA ILE A 280 20.97 20.45 3.48
C ILE A 280 21.30 21.38 4.64
N TYR A 281 21.37 22.69 4.37
CA TYR A 281 21.64 23.64 5.45
C TYR A 281 20.56 23.60 6.51
N PHE A 282 19.29 23.56 6.10
CA PHE A 282 18.20 23.55 7.05
C PHE A 282 18.16 22.26 7.86
N GLY A 283 18.73 21.18 7.35
CA GLY A 283 18.81 19.95 8.09
C GLY A 283 17.76 18.92 7.78
N LEU A 284 16.91 19.15 6.77
CA LEU A 284 15.86 18.21 6.45
C LEU A 284 16.37 16.92 5.83
N CYS A 285 17.64 16.85 5.46
CA CYS A 285 18.18 15.67 4.82
C CYS A 285 18.87 14.71 5.77
N GLY A 286 18.83 14.97 7.07
CA GLY A 286 19.55 14.11 8.00
C GLY A 286 18.83 13.82 9.29
N PHE A 287 17.50 13.83 9.30
CA PHE A 287 16.75 13.48 10.49
C PHE A 287 16.09 12.11 10.38
N ASN A 288 16.08 11.51 9.20
CA ASN A 288 15.62 10.14 9.05
C ASN A 288 16.74 9.13 9.25
N SER A 289 18.00 9.55 9.02
CA SER A 289 19.11 8.62 9.14
C SER A 289 19.46 8.33 10.59
N THR A 290 19.35 9.35 11.46
CA THR A 290 19.74 9.17 12.85
C THR A 290 18.89 8.12 13.53
N LEU A 291 17.57 8.17 13.31
CA LEU A 291 16.68 7.21 13.96
C LEU A 291 16.98 5.79 13.50
N ALA A 292 17.18 5.61 12.19
CA ALA A 292 17.49 4.28 11.67
C ALA A 292 18.80 3.76 12.23
N CYS A 293 19.82 4.62 12.28
CA CYS A 293 21.11 4.19 12.80
C CYS A 293 21.01 3.79 14.26
N ILE A 294 20.29 4.57 15.06
CA ILE A 294 20.12 4.23 16.47
C ILE A 294 19.37 2.92 16.61
N ALA A 295 18.31 2.75 15.84
CA ALA A 295 17.47 1.56 15.99
C ALA A 295 18.23 0.29 15.61
N ILE A 296 18.98 0.33 14.53
CA ILE A 296 19.64 -0.89 14.07
C ILE A 296 20.94 -1.14 14.79
N GLY A 297 21.71 -0.09 15.06
CA GLY A 297 23.04 -0.23 15.61
C GLY A 297 23.13 -0.95 16.94
N GLY A 298 22.57 -0.37 17.99
CA GLY A 298 22.78 -0.91 19.31
C GLY A 298 21.56 -1.45 20.03
N MET A 299 20.37 -1.00 19.65
CA MET A 299 19.18 -1.32 20.44
C MET A 299 18.67 -2.72 20.15
N PHE A 300 18.25 -2.98 18.91
CA PHE A 300 17.59 -4.24 18.59
C PHE A 300 18.56 -5.31 18.09
N TYR A 301 19.85 -5.00 17.97
CA TYR A 301 20.88 -5.99 17.71
C TYR A 301 21.95 -5.84 18.77
N VAL A 302 22.55 -6.97 19.17
CA VAL A 302 23.66 -6.90 20.10
C VAL A 302 24.82 -6.21 19.41
N ILE A 303 25.45 -5.28 20.12
CA ILE A 303 26.42 -4.40 19.48
C ILE A 303 27.66 -5.20 19.10
N THR A 304 28.07 -5.04 17.83
CA THR A 304 29.27 -5.66 17.30
C THR A 304 29.58 -4.96 15.98
N TRP A 305 30.84 -5.04 15.54
CA TRP A 305 31.26 -4.26 14.39
C TRP A 305 30.49 -4.61 13.12
N GLN A 306 30.09 -5.88 12.97
CA GLN A 306 29.25 -6.24 11.84
C GLN A 306 27.93 -5.47 11.89
N THR A 307 27.31 -5.41 13.06
CA THR A 307 26.09 -4.63 13.20
C THR A 307 26.34 -3.15 13.01
N HIS A 308 27.55 -2.68 13.34
CA HIS A 308 27.90 -1.29 13.08
C HIS A 308 27.86 -0.98 11.58
N LEU A 309 28.51 -1.84 10.78
CA LEU A 309 28.47 -1.65 9.34
C LEU A 309 27.04 -1.76 8.82
N LEU A 310 26.27 -2.71 9.36
CA LEU A 310 24.88 -2.86 8.92
C LEU A 310 24.08 -1.60 9.22
N ALA A 311 24.34 -0.97 10.36
CA ALA A 311 23.64 0.26 10.71
C ALA A 311 24.01 1.40 9.76
N ILE A 312 25.28 1.49 9.39
CA ILE A 312 25.67 2.53 8.44
C ILE A 312 24.95 2.31 7.10
N ALA A 313 24.88 1.06 6.66
CA ALA A 313 24.14 0.76 5.43
C ALA A 313 22.67 1.15 5.58
N CYS A 314 22.10 0.92 6.76
CA CYS A 314 20.72 1.31 7.01
C CYS A 314 20.54 2.81 6.88
N ALA A 315 21.50 3.58 7.39
CA ALA A 315 21.41 5.03 7.27
C ALA A 315 21.42 5.46 5.81
N LEU A 316 22.32 4.88 5.01
CA LEU A 316 22.38 5.27 3.59
C LEU A 316 21.09 4.92 2.86
N PHE A 317 20.57 3.71 3.08
CA PHE A 317 19.35 3.28 2.42
C PHE A 317 18.18 4.17 2.84
N ALA A 318 18.10 4.53 4.12
CA ALA A 318 17.04 5.40 4.59
C ALA A 318 17.13 6.77 3.93
N ALA A 319 18.34 7.31 3.77
CA ALA A 319 18.46 8.63 3.14
C ALA A 319 17.97 8.60 1.70
N TYR A 320 18.37 7.57 0.93
CA TYR A 320 17.92 7.51 -0.46
C TYR A 320 16.41 7.32 -0.56
N LEU A 321 15.85 6.44 0.27
CA LEU A 321 14.39 6.28 0.27
C LEU A 321 13.70 7.57 0.68
N GLY A 322 14.32 8.35 1.56
CA GLY A 322 13.75 9.62 1.95
C GLY A 322 13.68 10.60 0.80
N ALA A 323 14.76 10.68 0.01
CA ALA A 323 14.71 11.52 -1.18
C ALA A 323 13.61 11.07 -2.12
N ALA A 324 13.50 9.76 -2.33
CA ALA A 324 12.51 9.23 -3.26
C ALA A 324 11.09 9.59 -2.81
N LEU A 325 10.77 9.33 -1.54
CA LEU A 325 9.43 9.62 -1.04
C LEU A 325 9.16 11.11 -1.01
N ALA A 326 10.18 11.93 -0.73
CA ALA A 326 9.98 13.38 -0.75
C ALA A 326 9.57 13.86 -2.13
N ASN A 327 10.21 13.33 -3.18
CA ASN A 327 9.84 13.74 -4.52
C ASN A 327 8.48 13.17 -4.92
N MET A 328 8.15 11.96 -4.47
CA MET A 328 6.88 11.36 -4.88
C MET A 328 5.67 12.00 -4.21
N LEU A 329 5.74 12.24 -2.91
CA LEU A 329 4.58 12.72 -2.17
C LEU A 329 4.30 14.20 -2.38
N SER A 330 5.16 14.92 -3.09
CA SER A 330 4.95 16.34 -3.31
C SER A 330 3.77 16.65 -4.21
N VAL A 331 3.26 15.65 -4.95
CA VAL A 331 2.13 15.92 -5.82
C VAL A 331 0.87 16.17 -5.02
N PHE A 332 0.63 15.37 -3.99
CA PHE A 332 -0.52 15.58 -3.11
C PHE A 332 -0.40 16.82 -2.24
N GLY A 333 0.81 17.36 -2.08
CA GLY A 333 1.02 18.48 -1.20
C GLY A 333 1.38 18.14 0.23
N LEU A 334 1.77 16.88 0.49
CA LEU A 334 2.10 16.42 1.82
C LEU A 334 3.62 16.28 1.98
N PRO A 335 4.14 16.44 3.19
CA PRO A 335 5.57 16.27 3.41
C PRO A 335 5.89 14.84 3.80
N PRO A 336 7.13 14.41 3.57
CA PRO A 336 7.54 13.08 4.05
C PRO A 336 8.02 13.13 5.48
N CYS A 337 7.34 12.43 6.38
CA CYS A 337 7.63 12.52 7.81
C CYS A 337 7.78 11.12 8.38
N THR A 338 9.03 10.69 8.57
CA THR A 338 9.37 9.47 9.29
C THR A 338 8.77 8.22 8.64
N TRP A 339 8.46 8.30 7.35
CA TRP A 339 8.11 7.10 6.59
C TRP A 339 9.37 6.32 6.22
N PRO A 340 10.42 6.97 5.68
CA PRO A 340 11.62 6.21 5.31
C PRO A 340 12.25 5.47 6.47
N PHE A 341 12.29 6.09 7.65
CA PHE A 341 12.87 5.42 8.80
C PHE A 341 12.09 4.15 9.14
N CYS A 342 10.76 4.24 9.17
CA CYS A 342 9.96 3.08 9.49
C CYS A 342 10.18 1.96 8.49
N LEU A 343 10.10 2.27 7.20
CA LEU A 343 10.23 1.22 6.20
C LEU A 343 11.64 0.60 6.21
N SER A 344 12.68 1.43 6.31
CA SER A 344 14.04 0.89 6.29
C SER A 344 14.33 0.05 7.54
N ALA A 345 13.97 0.56 8.71
CA ALA A 345 14.20 -0.20 9.93
C ALA A 345 13.42 -1.50 9.93
N LEU A 346 12.18 -1.50 9.43
CA LEU A 346 11.44 -2.76 9.35
C LEU A 346 12.07 -3.72 8.35
N THR A 347 12.59 -3.23 7.23
CA THR A 347 13.15 -4.14 6.25
C THR A 347 14.54 -4.63 6.62
N PHE A 348 15.23 -4.00 7.57
CA PHE A 348 16.49 -4.58 8.04
C PHE A 348 16.38 -5.35 9.35
N LEU A 349 15.18 -5.48 9.92
CA LEU A 349 14.99 -6.39 11.05
C LEU A 349 14.39 -7.72 10.64
N LEU A 350 13.93 -7.85 9.39
CA LEU A 350 13.42 -9.11 8.89
C LEU A 350 14.46 -9.92 8.14
N LEU A 351 15.65 -9.37 7.92
CA LEU A 351 16.71 -10.10 7.25
C LEU A 351 17.25 -11.22 8.12
N THR A 352 17.49 -12.38 7.51
CA THR A 352 17.99 -13.55 8.21
C THR A 352 19.30 -13.99 7.60
N THR A 353 20.32 -14.20 8.44
CA THR A 353 21.63 -14.61 7.99
C THR A 353 22.14 -15.74 8.86
N ASN A 354 23.09 -16.49 8.33
CA ASN A 354 23.72 -17.58 9.06
C ASN A 354 24.93 -17.16 9.86
N ASN A 355 25.31 -15.89 9.81
CA ASN A 355 26.45 -15.43 10.59
C ASN A 355 26.08 -15.43 12.06
N PRO A 356 26.87 -16.08 12.92
CA PRO A 356 26.49 -16.15 14.35
C PRO A 356 26.65 -14.85 15.09
N ALA A 357 27.31 -13.84 14.51
CA ALA A 357 27.54 -12.58 15.21
C ALA A 357 26.38 -11.60 15.09
N ILE A 358 25.45 -11.82 14.18
CA ILE A 358 24.29 -10.94 14.00
C ILE A 358 23.14 -11.59 14.75
N TYR A 359 22.99 -11.22 16.01
CA TYR A 359 21.98 -11.82 16.89
C TYR A 359 20.85 -10.81 17.11
N LYS A 360 19.62 -11.28 16.97
CA LYS A 360 18.45 -10.43 17.14
C LYS A 360 17.81 -10.74 18.49
N LEU A 361 17.72 -9.73 19.34
CA LEU A 361 17.20 -9.91 20.69
C LEU A 361 15.68 -10.04 20.67
N PRO A 362 15.11 -10.79 21.60
CA PRO A 362 13.65 -10.78 21.77
C PRO A 362 13.18 -9.43 22.27
N LEU A 363 11.94 -9.09 21.94
CA LEU A 363 11.41 -7.80 22.33
C LEU A 363 11.14 -7.67 23.82
N SER A 364 11.22 -8.77 24.56
CA SER A 364 10.95 -8.72 25.99
C SER A 364 12.15 -8.31 26.82
N LYS A 365 13.30 -8.07 26.21
CA LYS A 365 14.52 -7.80 26.96
C LYS A 365 15.27 -6.55 26.55
N VAL A 366 14.85 -5.85 25.49
CA VAL A 366 15.60 -4.70 25.01
C VAL A 366 15.42 -3.54 25.98
N THR A 367 16.51 -3.12 26.61
CA THR A 367 16.46 -2.00 27.55
C THR A 367 17.33 -0.83 27.09
N TYR A 368 18.62 -1.05 26.90
CA TYR A 368 19.53 -0.09 26.27
C TYR A 368 20.87 -0.80 26.03
N PRO A 369 21.68 -0.31 25.08
CA PRO A 369 22.71 -1.19 24.48
C PRO A 369 23.65 -1.86 25.46
N GLU A 370 24.13 -1.18 26.49
CA GLU A 370 25.06 -1.82 27.41
C GLU A 370 24.39 -2.96 28.16
N ALA A 371 23.16 -2.76 28.62
CA ALA A 371 22.43 -3.83 29.29
C ALA A 371 22.21 -5.00 28.35
N ASN A 372 21.89 -4.71 27.09
CA ASN A 372 21.72 -5.79 26.11
C ASN A 372 23.01 -6.57 25.93
N ARG A 373 24.14 -5.87 25.86
CA ARG A 373 25.43 -6.54 25.74
C ARG A 373 25.69 -7.46 26.92
N ILE A 374 25.48 -6.95 28.14
CA ILE A 374 25.80 -7.76 29.32
C ILE A 374 24.85 -8.94 29.42
N TYR A 375 23.59 -8.75 29.03
CA TYR A 375 22.63 -9.85 29.06
C TYR A 375 23.01 -10.93 28.05
N TYR A 376 23.43 -10.53 26.85
CA TYR A 376 23.84 -11.51 25.86
C TYR A 376 25.07 -12.28 26.31
N LEU A 377 26.04 -11.57 26.91
CA LEU A 377 27.27 -12.24 27.30
C LEU A 377 27.04 -13.17 28.49
N SER A 378 26.12 -12.82 29.38
CA SER A 378 25.95 -13.58 30.62
C SER A 378 25.55 -15.02 30.34
N GLN A 379 24.58 -15.22 29.45
CA GLN A 379 24.07 -16.56 29.19
C GLN A 379 24.49 -17.09 27.83
N SER B 52 38.18 -25.31 -9.84
CA SER B 52 38.48 -23.90 -9.67
C SER B 52 37.22 -23.10 -9.37
N PRO B 53 37.28 -22.27 -8.33
CA PRO B 53 36.08 -21.50 -7.94
C PRO B 53 35.58 -20.57 -9.02
N VAL B 54 36.46 -20.02 -9.86
CA VAL B 54 36.05 -19.00 -10.82
C VAL B 54 35.05 -19.57 -11.83
N PHE B 55 35.31 -20.79 -12.31
CA PHE B 55 34.38 -21.41 -13.25
C PHE B 55 33.01 -21.62 -12.60
N GLN B 56 33.00 -22.06 -11.34
CA GLN B 56 31.74 -22.22 -10.63
C GLN B 56 31.02 -20.89 -10.51
N PHE B 57 31.76 -19.81 -10.24
CA PHE B 57 31.14 -18.50 -10.11
C PHE B 57 30.49 -18.07 -11.41
N PHE B 58 31.20 -18.25 -12.54
CA PHE B 58 30.61 -17.84 -13.81
C PHE B 58 29.42 -18.71 -14.18
N ASP B 59 29.46 -19.99 -13.82
CA ASP B 59 28.27 -20.83 -13.98
C ASP B 59 27.10 -20.25 -13.19
N TRP B 60 27.39 -19.78 -11.97
CA TRP B 60 26.34 -19.18 -11.15
C TRP B 60 25.74 -17.95 -11.82
N VAL B 61 26.59 -17.07 -12.37
CA VAL B 61 26.02 -15.86 -12.99
C VAL B 61 25.25 -16.22 -14.26
N LEU B 62 25.70 -17.22 -15.02
CA LEU B 62 24.94 -17.63 -16.19
C LEU B 62 23.57 -18.17 -15.81
N ARG B 63 23.51 -18.99 -14.77
CA ARG B 63 22.22 -19.49 -14.31
C ARG B 63 21.33 -18.36 -13.84
N GLY B 64 21.91 -17.40 -13.13
CA GLY B 64 21.13 -16.24 -12.69
C GLY B 64 20.55 -15.46 -13.86
N THR B 65 21.34 -15.29 -14.92
CA THR B 65 20.82 -14.62 -16.11
C THR B 65 19.68 -15.41 -16.73
N SER B 66 19.83 -16.73 -16.79
CA SER B 66 18.79 -17.55 -17.40
C SER B 66 17.50 -17.54 -16.59
N GLN B 67 17.60 -17.36 -15.28
CA GLN B 67 16.47 -17.60 -14.39
C GLN B 67 15.36 -16.56 -14.53
N VAL B 68 15.52 -15.58 -15.42
CA VAL B 68 14.51 -14.54 -15.57
C VAL B 68 13.18 -15.12 -16.05
N MET B 69 13.25 -16.10 -16.94
CA MET B 69 12.06 -16.73 -17.52
C MET B 69 11.87 -18.16 -17.01
N PHE B 70 12.17 -18.39 -15.73
CA PHE B 70 11.96 -19.66 -15.06
C PHE B 70 12.68 -20.82 -15.74
N VAL B 71 13.86 -20.59 -16.27
CA VAL B 71 14.66 -21.64 -16.93
C VAL B 71 16.04 -21.68 -16.27
N ASN B 72 16.49 -22.87 -15.93
CA ASN B 72 17.73 -23.09 -15.19
C ASN B 72 18.68 -23.90 -16.07
N ASN B 73 19.45 -23.22 -16.91
CA ASN B 73 20.38 -23.89 -17.82
C ASN B 73 21.42 -22.91 -18.35
N PRO B 74 22.71 -23.24 -18.25
CA PRO B 74 23.74 -22.30 -18.72
C PRO B 74 23.66 -21.99 -20.21
N LEU B 75 23.27 -22.96 -21.04
CA LEU B 75 23.20 -22.70 -22.47
C LEU B 75 22.16 -21.63 -22.78
N SER B 76 21.02 -21.69 -22.10
CA SER B 76 20.02 -20.64 -22.24
C SER B 76 20.59 -19.28 -21.86
N GLY B 77 21.41 -19.25 -20.80
CA GLY B 77 22.04 -18.00 -20.41
C GLY B 77 22.96 -17.46 -21.49
N ILE B 78 23.74 -18.34 -22.12
CA ILE B 78 24.61 -17.91 -23.20
C ILE B 78 23.78 -17.32 -24.33
N LEU B 79 22.67 -17.97 -24.67
CA LEU B 79 21.82 -17.45 -25.74
C LEU B 79 21.23 -16.08 -25.35
N ILE B 80 20.82 -15.92 -24.10
CA ILE B 80 20.27 -14.65 -23.66
C ILE B 80 21.31 -13.54 -23.79
N ILE B 81 22.54 -13.83 -23.38
CA ILE B 81 23.60 -12.83 -23.48
C ILE B 81 23.88 -12.50 -24.94
N LEU B 82 23.84 -13.50 -25.81
CA LEU B 82 24.03 -13.22 -27.23
C LEU B 82 22.94 -12.30 -27.76
N GLY B 83 21.69 -12.54 -27.37
CA GLY B 83 20.61 -11.66 -27.79
C GLY B 83 20.80 -10.24 -27.28
N LEU B 84 21.17 -10.10 -26.01
CA LEU B 84 21.37 -8.77 -25.45
C LEU B 84 22.48 -8.03 -26.19
N PHE B 85 23.58 -8.71 -26.49
CA PHE B 85 24.65 -8.07 -27.25
C PHE B 85 24.22 -7.76 -28.68
N ILE B 86 23.28 -8.52 -29.23
CA ILE B 86 22.71 -8.14 -30.52
C ILE B 86 21.96 -6.82 -30.40
N GLN B 87 21.19 -6.65 -29.33
CA GLN B 87 20.39 -5.43 -29.15
C GLN B 87 21.22 -4.16 -29.03
N ASN B 88 21.94 -4.00 -27.92
CA ASN B 88 22.73 -2.81 -27.61
C ASN B 88 23.84 -3.21 -26.66
N PRO B 89 25.10 -3.04 -27.04
CA PRO B 89 26.20 -3.47 -26.15
C PRO B 89 26.19 -2.82 -24.79
N TRP B 90 25.84 -1.53 -24.71
CA TRP B 90 25.88 -0.84 -23.42
C TRP B 90 24.89 -1.45 -22.44
N TRP B 91 23.69 -1.80 -22.91
CA TRP B 91 22.70 -2.41 -22.05
C TRP B 91 23.19 -3.75 -21.53
N ALA B 92 23.83 -4.54 -22.39
CA ALA B 92 24.36 -5.83 -21.96
C ALA B 92 25.45 -5.67 -20.91
N ILE B 93 26.32 -4.68 -21.09
CA ILE B 93 27.36 -4.43 -20.11
C ILE B 93 26.74 -4.10 -18.76
N SER B 94 25.75 -3.20 -18.76
CA SER B 94 25.12 -2.82 -17.50
C SER B 94 24.44 -4.02 -16.83
N GLY B 95 23.74 -4.84 -17.60
CA GLY B 95 23.06 -5.98 -17.03
C GLY B 95 24.02 -7.01 -16.44
N CYS B 96 25.10 -7.32 -17.16
CA CYS B 96 26.07 -8.27 -16.65
C CYS B 96 26.73 -7.76 -15.38
N LEU B 97 27.06 -6.47 -15.36
CA LEU B 97 27.63 -5.90 -14.13
C LEU B 97 26.67 -6.02 -12.97
N GLY B 98 25.39 -5.74 -13.23
CA GLY B 98 24.39 -5.83 -12.16
C GLY B 98 24.28 -7.22 -11.60
N THR B 99 24.21 -8.23 -12.47
CA THR B 99 24.06 -9.59 -11.97
C THR B 99 25.30 -10.06 -11.22
N ILE B 100 26.49 -9.69 -11.71
CA ILE B 100 27.71 -10.07 -11.01
C ILE B 100 27.74 -9.48 -9.61
N MET B 101 27.42 -8.19 -9.50
CA MET B 101 27.48 -7.54 -8.19
C MET B 101 26.42 -8.10 -7.26
N SER B 102 25.23 -8.40 -7.77
CA SER B 102 24.18 -8.96 -6.93
C SER B 102 24.59 -10.32 -6.38
N THR B 103 25.14 -11.17 -7.24
CA THR B 103 25.57 -12.49 -6.77
C THR B 103 26.68 -12.37 -5.73
N LEU B 104 27.63 -11.46 -5.95
CA LEU B 104 28.70 -11.31 -4.97
C LEU B 104 28.18 -10.82 -3.63
N THR B 105 27.23 -9.88 -3.65
CA THR B 105 26.67 -9.39 -2.39
C THR B 105 25.91 -10.49 -1.67
N ALA B 106 25.14 -11.29 -2.43
CA ALA B 106 24.44 -12.41 -1.81
C ALA B 106 25.42 -13.39 -1.17
N LEU B 107 26.55 -13.64 -1.84
CA LEU B 107 27.55 -14.52 -1.26
C LEU B 107 28.13 -13.93 0.02
N ILE B 108 28.38 -12.62 0.03
CA ILE B 108 28.96 -11.99 1.21
C ILE B 108 28.01 -12.07 2.40
N LEU B 109 26.72 -11.82 2.16
CA LEU B 109 25.77 -11.87 3.27
C LEU B 109 25.53 -13.29 3.77
N SER B 110 26.03 -14.31 3.09
CA SER B 110 25.98 -15.71 3.54
C SER B 110 24.53 -16.19 3.72
N GLN B 111 23.79 -16.17 2.61
CA GLN B 111 22.48 -16.79 2.56
C GLN B 111 22.64 -18.28 2.30
N ASP B 112 21.55 -18.95 1.96
CA ASP B 112 21.59 -20.38 1.68
C ASP B 112 22.51 -20.67 0.50
N LYS B 113 23.23 -21.79 0.59
CA LYS B 113 24.16 -22.19 -0.46
C LYS B 113 23.47 -22.73 -1.70
N SER B 114 22.46 -23.58 -1.52
CA SER B 114 21.78 -24.17 -2.67
C SER B 114 21.07 -23.11 -3.49
N ALA B 115 20.47 -22.12 -2.83
CA ALA B 115 19.78 -21.06 -3.55
C ALA B 115 20.73 -20.29 -4.45
N ILE B 116 21.91 -19.94 -3.95
CA ILE B 116 22.90 -19.26 -4.77
C ILE B 116 23.37 -20.17 -5.90
N ALA B 117 23.63 -21.44 -5.59
CA ALA B 117 24.10 -22.36 -6.60
C ALA B 117 23.07 -22.61 -7.69
N ALA B 118 21.80 -22.40 -7.41
CA ALA B 118 20.75 -22.55 -8.42
C ALA B 118 20.46 -21.27 -9.17
N GLY B 119 20.98 -20.14 -8.71
CA GLY B 119 20.81 -18.89 -9.41
C GLY B 119 19.66 -18.02 -8.98
N PHE B 120 19.02 -18.33 -7.84
CA PHE B 120 17.87 -17.55 -7.42
C PHE B 120 18.23 -16.13 -7.02
N HIS B 121 19.52 -15.84 -6.79
CA HIS B 121 19.93 -14.53 -6.34
C HIS B 121 20.48 -13.66 -7.45
N GLY B 122 20.46 -14.12 -8.69
CA GLY B 122 21.06 -13.37 -9.77
C GLY B 122 20.10 -12.83 -10.81
N TYR B 123 18.84 -13.21 -10.73
CA TYR B 123 17.87 -12.80 -11.74
C TYR B 123 17.25 -11.43 -11.47
N ASN B 124 17.66 -10.77 -10.39
CA ASN B 124 17.19 -9.41 -10.14
C ASN B 124 18.22 -8.36 -10.51
N GLY B 125 19.51 -8.70 -10.50
CA GLY B 125 20.52 -7.73 -10.88
C GLY B 125 20.47 -7.38 -12.35
N VAL B 126 20.25 -8.37 -13.20
CA VAL B 126 20.26 -8.11 -14.64
C VAL B 126 19.12 -7.17 -15.02
N LEU B 127 17.94 -7.37 -14.43
CA LEU B 127 16.81 -6.51 -14.74
C LEU B 127 17.05 -5.08 -14.28
N VAL B 128 17.59 -4.90 -13.07
CA VAL B 128 17.81 -3.55 -12.57
C VAL B 128 18.87 -2.84 -13.41
N GLY B 129 19.91 -3.57 -13.83
CA GLY B 129 20.90 -2.96 -14.70
C GLY B 129 20.32 -2.55 -16.03
N LEU B 130 19.55 -3.44 -16.65
CA LEU B 130 18.98 -3.15 -17.97
C LEU B 130 18.02 -1.97 -17.90
N LEU B 131 17.14 -1.94 -16.89
CA LEU B 131 16.18 -0.86 -16.80
C LEU B 131 16.81 0.45 -16.35
N MET B 132 17.94 0.42 -15.65
CA MET B 132 18.65 1.66 -15.39
C MET B 132 19.34 2.17 -16.65
N ALA B 133 19.81 1.26 -17.50
CA ALA B 133 20.42 1.69 -18.75
C ALA B 133 19.40 2.14 -19.80
N VAL B 134 18.14 1.71 -19.68
CA VAL B 134 17.14 2.07 -20.69
C VAL B 134 16.61 3.48 -20.46
N PHE B 135 16.12 3.77 -19.25
CA PHE B 135 15.56 5.08 -18.93
C PHE B 135 16.68 6.03 -18.53
N SER B 136 17.50 6.41 -19.52
CA SER B 136 18.58 7.35 -19.29
C SER B 136 18.63 8.33 -20.45
N ASP B 137 18.72 9.62 -20.12
CA ASP B 137 18.70 10.67 -21.13
C ASP B 137 20.09 11.06 -21.59
N LYS B 138 21.14 10.61 -20.90
CA LYS B 138 22.48 11.04 -21.25
C LYS B 138 22.98 10.42 -22.55
N GLY B 139 22.47 9.25 -22.91
CA GLY B 139 22.84 8.61 -24.15
C GLY B 139 23.72 7.40 -23.92
N ASP B 140 24.25 6.88 -25.02
CA ASP B 140 25.10 5.70 -24.96
C ASP B 140 26.46 6.05 -24.38
N TYR B 141 27.01 5.12 -23.61
CA TYR B 141 28.36 5.21 -23.08
C TYR B 141 28.54 6.44 -22.19
N TYR B 142 27.78 6.47 -21.11
CA TYR B 142 27.94 7.46 -20.04
C TYR B 142 28.45 6.70 -18.83
N TRP B 143 29.78 6.66 -18.69
CA TRP B 143 30.42 5.72 -17.77
C TRP B 143 29.98 5.93 -16.32
N TRP B 144 29.70 7.17 -15.92
CA TRP B 144 29.33 7.43 -14.54
C TRP B 144 28.10 6.64 -14.11
N LEU B 145 27.24 6.26 -15.05
CA LEU B 145 26.06 5.49 -14.71
C LEU B 145 26.40 4.17 -14.05
N LEU B 146 27.63 3.67 -14.24
CA LEU B 146 28.01 2.41 -13.59
C LEU B 146 28.18 2.56 -12.08
N LEU B 147 28.19 3.78 -11.54
CA LEU B 147 28.35 3.91 -10.10
C LEU B 147 27.05 3.56 -9.37
N PRO B 148 25.90 4.14 -9.72
CA PRO B 148 24.66 3.73 -9.04
C PRO B 148 24.31 2.27 -9.24
N VAL B 149 24.64 1.69 -10.39
CA VAL B 149 24.31 0.30 -10.67
C VAL B 149 24.96 -0.62 -9.64
N ILE B 150 26.17 -0.31 -9.21
CA ILE B 150 26.81 -1.09 -8.16
C ILE B 150 26.04 -1.00 -6.86
N ILE B 151 25.53 0.19 -6.53
CA ILE B 151 24.92 0.39 -5.22
C ILE B 151 23.56 -0.29 -5.15
N MET B 152 22.65 0.07 -6.05
CA MET B 152 21.28 -0.45 -5.97
C MET B 152 21.23 -1.95 -6.12
N SER B 153 22.17 -2.52 -6.89
CA SER B 153 22.21 -3.98 -7.02
C SER B 153 22.40 -4.64 -5.66
N MET B 154 23.22 -4.03 -4.81
CA MET B 154 23.44 -4.57 -3.46
C MET B 154 22.15 -4.65 -2.66
N SER B 155 21.13 -3.88 -3.03
CA SER B 155 19.87 -3.89 -2.32
C SER B 155 18.94 -5.01 -2.76
N CYS B 156 19.33 -5.81 -3.75
CA CYS B 156 18.47 -6.90 -4.20
C CYS B 156 18.56 -8.11 -3.28
N PRO B 157 19.75 -8.56 -2.87
CA PRO B 157 19.81 -9.70 -1.93
C PRO B 157 19.13 -9.42 -0.60
N ILE B 158 19.18 -8.18 -0.11
CA ILE B 158 18.59 -7.88 1.18
C ILE B 158 17.07 -8.01 1.12
N LEU B 159 16.44 -7.26 0.22
CA LEU B 159 14.98 -7.23 0.16
C LEU B 159 14.41 -8.62 -0.11
N SER B 160 15.00 -9.32 -1.07
CA SER B 160 14.52 -10.67 -1.40
C SER B 160 14.64 -11.62 -0.21
N SER B 161 15.49 -11.28 0.77
CA SER B 161 15.51 -12.07 1.99
C SER B 161 14.40 -11.65 2.94
N ALA B 162 14.21 -10.34 3.11
CA ALA B 162 13.23 -9.85 4.07
C ALA B 162 11.84 -10.35 3.74
N LEU B 163 11.40 -10.12 2.50
CA LEU B 163 10.10 -10.63 2.07
C LEU B 163 10.02 -12.14 2.24
N GLY B 164 11.14 -12.83 2.10
CA GLY B 164 11.16 -14.26 2.27
C GLY B 164 10.70 -14.72 3.64
N THR B 165 10.91 -13.90 4.66
CA THR B 165 10.42 -14.27 5.98
C THR B 165 8.92 -14.07 6.11
N ILE B 166 8.36 -13.11 5.37
CA ILE B 166 6.93 -12.84 5.48
C ILE B 166 6.13 -13.86 4.69
N PHE B 167 6.53 -14.13 3.45
CA PHE B 167 5.75 -14.99 2.57
C PHE B 167 5.82 -16.45 2.94
N SER B 168 6.81 -16.87 3.75
CA SER B 168 6.97 -18.28 4.08
C SER B 168 5.81 -18.81 4.91
N LYS B 169 5.07 -17.95 5.59
CA LYS B 169 3.91 -18.41 6.35
C LYS B 169 2.88 -19.07 5.44
N TRP B 170 2.60 -18.46 4.30
CA TRP B 170 1.63 -19.00 3.35
C TRP B 170 2.27 -19.79 2.23
N ASP B 171 3.58 -19.99 2.28
CA ASP B 171 4.30 -20.81 1.30
C ASP B 171 4.08 -20.25 -0.10
N LEU B 172 4.63 -19.05 -0.32
CA LEU B 172 4.57 -18.34 -1.58
C LEU B 172 5.96 -17.85 -1.97
N PRO B 173 6.21 -17.64 -3.26
CA PRO B 173 7.51 -17.13 -3.70
C PRO B 173 7.53 -15.61 -3.75
N VAL B 174 8.74 -15.07 -3.84
CA VAL B 174 8.96 -13.64 -4.00
C VAL B 174 9.31 -13.42 -5.46
N PHE B 175 8.29 -13.15 -6.27
CA PHE B 175 8.44 -13.21 -7.72
C PHE B 175 9.45 -12.22 -8.27
N THR B 176 9.12 -10.92 -8.25
CA THR B 176 10.03 -9.92 -8.79
C THR B 176 9.95 -8.64 -7.96
N LEU B 177 9.40 -8.72 -6.76
CA LEU B 177 9.19 -7.52 -5.96
C LEU B 177 10.45 -6.73 -5.66
N PRO B 178 11.60 -7.34 -5.33
CA PRO B 178 12.80 -6.51 -5.08
C PRO B 178 13.20 -5.64 -6.25
N PHE B 179 13.13 -6.17 -7.47
CA PHE B 179 13.48 -5.37 -8.64
C PHE B 179 12.55 -4.18 -8.79
N ASN B 180 11.24 -4.41 -8.61
CA ASN B 180 10.28 -3.32 -8.71
C ASN B 180 10.56 -2.25 -7.68
N ILE B 181 10.79 -2.66 -6.43
CA ILE B 181 11.00 -1.69 -5.36
C ILE B 181 12.25 -0.87 -5.63
N THR B 182 13.35 -1.54 -6.00
CA THR B 182 14.60 -0.81 -6.21
C THR B 182 14.50 0.14 -7.39
N VAL B 183 13.92 -0.30 -8.50
CA VAL B 183 13.87 0.56 -9.69
C VAL B 183 12.92 1.73 -9.46
N THR B 184 11.78 1.50 -8.82
CA THR B 184 10.89 2.61 -8.51
C THR B 184 11.58 3.61 -7.59
N LEU B 185 12.31 3.11 -6.58
CA LEU B 185 13.02 4.00 -5.67
C LEU B 185 14.01 4.87 -6.43
N TYR B 186 14.83 4.25 -7.28
CA TYR B 186 15.86 5.02 -8.00
C TYR B 186 15.23 6.02 -8.95
N LEU B 187 14.27 5.59 -9.76
CA LEU B 187 13.68 6.49 -10.74
C LEU B 187 12.96 7.65 -10.08
N ALA B 188 12.27 7.40 -8.96
CA ALA B 188 11.61 8.49 -8.26
C ALA B 188 12.62 9.41 -7.58
N ALA B 189 13.72 8.86 -7.07
CA ALA B 189 14.69 9.69 -6.37
C ALA B 189 15.44 10.62 -7.32
N THR B 190 15.74 10.15 -8.52
CA THR B 190 16.52 10.99 -9.44
C THR B 190 15.63 12.03 -10.12
N GLY B 191 14.67 11.57 -10.92
CA GLY B 191 13.76 12.48 -11.59
C GLY B 191 14.33 13.05 -12.87
N HIS B 192 13.46 13.69 -13.64
CA HIS B 192 13.90 14.29 -14.91
C HIS B 192 14.72 15.55 -14.67
N TYR B 193 14.37 16.36 -13.68
CA TYR B 193 15.07 17.62 -13.42
C TYR B 193 16.22 17.40 -12.44
N ASN B 194 17.13 16.54 -12.85
CA ASN B 194 18.31 16.21 -12.06
C ASN B 194 19.57 16.66 -12.80
N LEU B 195 20.61 16.94 -12.03
CA LEU B 195 21.83 17.49 -12.60
C LEU B 195 22.87 16.43 -12.93
N PHE B 196 22.68 15.18 -12.50
CA PHE B 196 23.68 14.14 -12.69
C PHE B 196 23.17 12.96 -13.50
N PHE B 197 22.00 12.42 -13.17
CA PHE B 197 21.45 11.25 -13.84
C PHE B 197 20.01 11.54 -14.28
N PRO B 198 19.83 12.38 -15.28
CA PRO B 198 18.48 12.71 -15.72
C PRO B 198 17.78 11.52 -16.35
N THR B 199 16.45 11.52 -16.28
CA THR B 199 15.62 10.45 -16.82
C THR B 199 14.71 11.00 -17.93
N THR B 200 14.21 10.08 -18.75
CA THR B 200 13.32 10.46 -19.84
C THR B 200 11.93 10.81 -19.30
N LEU B 201 11.10 11.36 -20.17
CA LEU B 201 9.83 11.96 -19.78
C LEU B 201 8.68 10.98 -19.98
N LEU B 202 7.83 10.87 -18.97
CA LEU B 202 6.52 10.25 -19.08
C LEU B 202 5.48 11.23 -18.56
N GLN B 203 4.37 11.38 -19.28
CA GLN B 203 3.37 12.38 -18.93
C GLN B 203 1.97 11.81 -19.12
N PRO B 204 1.05 12.13 -18.23
CA PRO B 204 -0.33 11.63 -18.37
C PRO B 204 -1.01 12.20 -19.61
N ALA B 205 -1.93 11.41 -20.15
CA ALA B 205 -2.65 11.81 -21.35
C ALA B 205 -3.53 13.02 -21.07
N SER B 206 -3.70 13.87 -22.08
CA SER B 206 -4.42 15.13 -21.91
C SER B 206 -5.52 15.37 -22.93
N ALA B 207 -5.58 14.59 -24.01
CA ALA B 207 -6.57 14.80 -25.04
C ALA B 207 -7.05 13.45 -25.56
N MET B 208 -8.22 13.47 -26.19
CA MET B 208 -8.80 12.24 -26.70
C MET B 208 -7.97 11.70 -27.86
N PRO B 209 -7.50 10.46 -27.79
CA PRO B 209 -6.62 9.94 -28.84
C PRO B 209 -7.28 9.90 -30.21
N ASN B 210 -6.47 9.87 -31.27
CA ASN B 210 -6.96 9.77 -32.64
C ASN B 210 -6.65 8.39 -33.22
N ILE B 211 -7.70 7.62 -33.46
CA ILE B 211 -7.58 6.27 -33.99
C ILE B 211 -8.47 6.14 -35.21
N THR B 212 -7.90 5.67 -36.31
CA THR B 212 -8.66 5.37 -37.52
C THR B 212 -8.49 3.89 -37.82
N TRP B 213 -9.58 3.13 -37.68
CA TRP B 213 -9.49 1.68 -37.80
C TRP B 213 -9.21 1.23 -39.23
N SER B 214 -9.27 2.13 -40.20
CA SER B 214 -8.97 1.78 -41.58
C SER B 214 -7.48 1.68 -41.86
N GLU B 215 -6.63 2.02 -40.89
CA GLU B 215 -5.19 1.99 -41.10
C GLU B 215 -4.49 0.87 -40.34
N VAL B 216 -5.24 0.00 -39.67
CA VAL B 216 -4.60 -1.10 -38.95
C VAL B 216 -3.94 -2.05 -39.95
N GLN B 217 -2.74 -2.52 -39.59
CA GLN B 217 -1.92 -3.34 -40.47
C GLN B 217 -1.71 -4.70 -39.82
N VAL B 218 -2.31 -5.74 -40.41
CA VAL B 218 -2.19 -7.09 -39.84
C VAL B 218 -0.74 -7.55 -39.70
N PRO B 219 0.17 -7.31 -40.68
CA PRO B 219 1.56 -7.75 -40.50
C PRO B 219 2.16 -7.41 -39.13
N LEU B 220 2.17 -6.13 -38.76
CA LEU B 220 2.80 -5.76 -37.50
C LEU B 220 2.00 -6.25 -36.30
N LEU B 221 0.68 -6.34 -36.43
CA LEU B 221 -0.13 -6.86 -35.32
C LEU B 221 0.26 -8.30 -35.02
N LEU B 222 0.48 -9.11 -36.05
CA LEU B 222 1.00 -10.45 -35.82
C LEU B 222 2.45 -10.41 -35.32
N ARG B 223 3.24 -9.46 -35.83
CA ARG B 223 4.63 -9.32 -35.41
C ARG B 223 4.77 -9.02 -33.94
N ALA B 224 3.73 -8.44 -33.32
CA ALA B 224 3.83 -8.02 -31.93
C ALA B 224 4.09 -9.15 -30.94
N ILE B 225 4.07 -10.41 -31.36
CA ILE B 225 4.26 -11.51 -30.42
C ILE B 225 5.74 -11.71 -30.08
N PRO B 226 6.65 -11.89 -31.06
CA PRO B 226 8.07 -12.01 -30.69
C PRO B 226 8.62 -10.78 -30.00
N VAL B 227 8.20 -9.57 -30.41
CA VAL B 227 8.64 -8.38 -29.70
C VAL B 227 8.08 -8.37 -28.29
N GLY B 228 6.85 -8.86 -28.13
CA GLY B 228 6.27 -8.93 -26.80
C GLY B 228 7.05 -9.85 -25.89
N ILE B 229 7.51 -10.99 -26.40
CA ILE B 229 8.27 -11.90 -25.56
C ILE B 229 9.68 -11.38 -25.36
N GLY B 230 10.18 -10.58 -26.30
CA GLY B 230 11.51 -9.99 -26.13
C GLY B 230 11.55 -8.81 -25.19
N GLN B 231 10.41 -8.15 -24.98
CA GLN B 231 10.39 -6.98 -24.12
C GLN B 231 10.55 -7.33 -22.64
N VAL B 232 10.63 -8.60 -22.29
CA VAL B 232 10.84 -8.98 -20.89
C VAL B 232 12.15 -8.41 -20.39
N TYR B 233 13.19 -8.40 -21.22
CA TYR B 233 14.49 -7.85 -20.86
C TYR B 233 14.66 -6.40 -21.29
N GLY B 234 13.65 -5.81 -21.89
CA GLY B 234 13.73 -4.43 -22.34
C GLY B 234 14.13 -4.22 -23.78
N CYS B 235 14.35 -5.29 -24.54
CA CYS B 235 14.74 -5.18 -25.94
C CYS B 235 13.50 -5.09 -26.82
N ASP B 236 13.67 -4.54 -28.02
CA ASP B 236 12.55 -4.31 -28.93
C ASP B 236 12.83 -4.77 -30.35
N ASN B 237 13.77 -5.66 -30.54
CA ASN B 237 14.10 -6.10 -31.88
C ASN B 237 13.50 -7.47 -32.13
N PRO B 238 12.91 -7.74 -33.29
CA PRO B 238 12.39 -9.09 -33.55
C PRO B 238 13.42 -10.20 -33.44
N TRP B 239 14.66 -9.91 -33.85
CA TRP B 239 15.69 -10.95 -33.85
C TRP B 239 15.97 -11.45 -32.44
N THR B 240 16.08 -10.53 -31.47
CA THR B 240 16.32 -10.97 -30.10
C THR B 240 15.11 -11.72 -29.54
N GLY B 241 13.91 -11.36 -30.00
CA GLY B 241 12.73 -12.13 -29.60
C GLY B 241 12.80 -13.56 -30.09
N GLY B 242 13.16 -13.75 -31.36
CA GLY B 242 13.31 -15.11 -31.86
C GLY B 242 14.39 -15.89 -31.14
N ILE B 243 15.52 -15.23 -30.85
CA ILE B 243 16.59 -15.90 -30.13
C ILE B 243 16.13 -16.31 -28.74
N PHE B 244 15.38 -15.43 -28.05
CA PHE B 244 14.87 -15.78 -26.74
C PHE B 244 13.90 -16.95 -26.82
N LEU B 245 13.06 -16.97 -27.86
CA LEU B 245 12.14 -18.09 -28.02
C LEU B 245 12.89 -19.40 -28.20
N ILE B 246 13.95 -19.39 -29.01
CA ILE B 246 14.75 -20.60 -29.18
C ILE B 246 15.39 -21.01 -27.86
N ALA B 247 15.91 -20.04 -27.11
CA ALA B 247 16.57 -20.36 -25.84
C ALA B 247 15.58 -20.98 -24.86
N LEU B 248 14.35 -20.48 -24.84
CA LEU B 248 13.32 -21.11 -24.01
C LEU B 248 13.00 -22.51 -24.49
N PHE B 249 12.91 -22.70 -25.81
CA PHE B 249 12.49 -24.00 -26.32
C PHE B 249 13.54 -25.09 -26.10
N ILE B 250 14.82 -24.71 -26.03
CA ILE B 250 15.86 -25.71 -25.82
C ILE B 250 15.63 -26.47 -24.53
N SER B 251 15.19 -25.79 -23.47
CA SER B 251 15.05 -26.43 -22.17
C SER B 251 13.71 -27.13 -21.99
N SER B 252 12.60 -26.45 -22.26
CA SER B 252 11.30 -27.06 -22.03
C SER B 252 10.25 -26.49 -22.97
N PRO B 253 9.63 -27.32 -23.81
CA PRO B 253 8.66 -26.80 -24.79
C PRO B 253 7.45 -26.13 -24.16
N LEU B 254 7.01 -26.62 -23.00
CA LEU B 254 5.78 -26.09 -22.40
C LEU B 254 5.93 -24.61 -22.06
N ILE B 255 7.09 -24.22 -21.54
CA ILE B 255 7.31 -22.81 -21.21
C ILE B 255 7.23 -21.94 -22.45
N CYS B 256 7.84 -22.39 -23.55
CA CYS B 256 7.79 -21.63 -24.79
C CYS B 256 6.37 -21.48 -25.31
N LEU B 257 5.61 -22.58 -25.32
CA LEU B 257 4.24 -22.52 -25.81
C LEU B 257 3.41 -21.57 -24.95
N HIS B 258 3.55 -21.66 -23.63
CA HIS B 258 2.76 -20.80 -22.76
C HIS B 258 3.18 -19.33 -22.88
N ALA B 259 4.46 -19.08 -23.12
CA ALA B 259 4.90 -17.71 -23.36
C ALA B 259 4.25 -17.14 -24.62
N ALA B 260 4.22 -17.93 -25.70
CA ALA B 260 3.59 -17.45 -26.92
C ALA B 260 2.10 -17.19 -26.71
N ILE B 261 1.42 -18.10 -26.02
CA ILE B 261 -0.01 -17.93 -25.78
C ILE B 261 -0.27 -16.69 -24.94
N GLY B 262 0.56 -16.47 -23.91
CA GLY B 262 0.39 -15.30 -23.07
C GLY B 262 0.62 -14.00 -23.84
N SER B 263 1.63 -13.98 -24.70
CA SER B 263 1.86 -12.77 -25.50
C SER B 263 0.68 -12.49 -26.42
N THR B 264 0.13 -13.53 -27.05
CA THR B 264 -1.03 -13.33 -27.91
C THR B 264 -2.21 -12.82 -27.10
N MET B 265 -2.43 -13.38 -25.91
CA MET B 265 -3.52 -12.92 -25.06
C MET B 265 -3.35 -11.45 -24.68
N GLY B 266 -2.12 -11.05 -24.33
CA GLY B 266 -1.89 -9.66 -24.00
C GLY B 266 -2.12 -8.74 -25.18
N MET B 267 -1.71 -9.15 -26.38
CA MET B 267 -1.94 -8.31 -27.55
C MET B 267 -3.42 -8.18 -27.87
N LEU B 268 -4.18 -9.26 -27.74
CA LEU B 268 -5.61 -9.19 -28.01
C LEU B 268 -6.34 -8.35 -26.97
N ALA B 269 -5.94 -8.46 -25.70
CA ALA B 269 -6.67 -7.78 -24.63
C ALA B 269 -6.59 -6.26 -24.74
N ALA B 270 -5.62 -5.72 -25.46
CA ALA B 270 -5.45 -4.27 -25.54
C ALA B 270 -6.27 -3.63 -26.64
N LEU B 271 -6.88 -4.41 -27.52
CA LEU B 271 -7.71 -3.84 -28.57
C LEU B 271 -9.15 -3.61 -28.15
N THR B 272 -9.52 -4.00 -26.94
CA THR B 272 -10.87 -3.79 -26.46
C THR B 272 -11.03 -2.51 -25.64
N ILE B 273 -9.96 -1.74 -25.45
CA ILE B 273 -10.05 -0.46 -24.77
C ILE B 273 -9.41 0.65 -25.58
N ALA B 274 -9.24 0.43 -26.88
CA ALA B 274 -8.79 1.46 -27.83
C ALA B 274 -7.44 2.05 -27.44
N THR B 275 -6.50 1.17 -27.15
CA THR B 275 -5.14 1.60 -26.91
C THR B 275 -4.53 2.12 -28.21
N PRO B 276 -3.74 3.19 -28.15
CA PRO B 276 -3.08 3.67 -29.37
C PRO B 276 -2.18 2.61 -29.98
N PHE B 277 -2.12 2.60 -31.30
CA PHE B 277 -1.47 1.49 -32.01
C PHE B 277 0.03 1.45 -31.77
N ASP B 278 0.65 2.59 -31.47
CA ASP B 278 2.11 2.61 -31.30
C ASP B 278 2.55 1.73 -30.13
N SER B 279 1.80 1.78 -29.02
CA SER B 279 2.16 0.95 -27.87
C SER B 279 2.06 -0.53 -28.20
N ILE B 280 1.04 -0.93 -28.95
CA ILE B 280 0.90 -2.33 -29.31
C ILE B 280 2.00 -2.76 -30.27
N TYR B 281 2.32 -1.92 -31.25
CA TYR B 281 3.40 -2.25 -32.18
C TYR B 281 4.72 -2.40 -31.45
N PHE B 282 5.02 -1.48 -30.54
CA PHE B 282 6.29 -1.53 -29.82
C PHE B 282 6.38 -2.73 -28.89
N GLY B 283 5.24 -3.29 -28.48
CA GLY B 283 5.24 -4.48 -27.68
C GLY B 283 5.09 -4.27 -26.19
N LEU B 284 4.84 -3.05 -25.74
CA LEU B 284 4.73 -2.78 -24.31
C LEU B 284 3.46 -3.34 -23.70
N CYS B 285 2.52 -3.82 -24.51
CA CYS B 285 1.26 -4.32 -24.00
C CYS B 285 1.23 -5.82 -23.80
N GLY B 286 2.34 -6.52 -24.05
CA GLY B 286 2.32 -7.96 -23.94
C GLY B 286 3.53 -8.60 -23.29
N PHE B 287 4.20 -7.89 -22.40
CA PHE B 287 5.34 -8.45 -21.67
C PHE B 287 5.00 -8.78 -20.23
N ASN B 288 3.85 -8.32 -19.73
CA ASN B 288 3.38 -8.73 -18.41
C ASN B 288 2.54 -9.99 -18.46
N SER B 289 1.93 -10.28 -19.61
CA SER B 289 1.06 -11.46 -19.70
C SER B 289 1.87 -12.74 -19.80
N THR B 290 3.01 -12.70 -20.50
CA THR B 290 3.79 -13.91 -20.71
C THR B 290 4.29 -14.48 -19.39
N LEU B 291 4.80 -13.62 -18.51
CA LEU B 291 5.32 -14.08 -17.24
C LEU B 291 4.21 -14.70 -16.39
N ALA B 292 3.05 -14.05 -16.34
CA ALA B 292 1.94 -14.60 -15.56
C ALA B 292 1.49 -15.94 -16.11
N CYS B 293 1.38 -16.05 -17.43
CA CYS B 293 0.94 -17.30 -18.03
C CYS B 293 1.93 -18.41 -17.74
N ILE B 294 3.23 -18.13 -17.85
CA ILE B 294 4.23 -19.16 -17.55
C ILE B 294 4.16 -19.56 -16.09
N ALA B 295 4.04 -18.58 -15.19
CA ALA B 295 4.05 -18.88 -13.77
C ALA B 295 2.86 -19.73 -13.35
N ILE B 296 1.67 -19.40 -13.85
CA ILE B 296 0.48 -20.10 -13.38
C ILE B 296 0.27 -21.40 -14.14
N GLY B 297 0.53 -21.41 -15.44
CA GLY B 297 0.23 -22.55 -16.27
C GLY B 297 0.88 -23.85 -15.87
N GLY B 298 2.20 -23.93 -15.96
CA GLY B 298 2.87 -25.20 -15.77
C GLY B 298 3.79 -25.32 -14.57
N MET B 299 4.30 -24.19 -14.07
CA MET B 299 5.34 -24.25 -13.06
C MET B 299 4.78 -24.56 -11.67
N PHE B 300 3.95 -23.68 -11.14
CA PHE B 300 3.49 -23.79 -9.76
C PHE B 300 2.19 -24.56 -9.62
N TYR B 301 1.58 -24.99 -10.73
CA TYR B 301 0.45 -25.88 -10.72
C TYR B 301 0.77 -27.08 -11.60
N VAL B 302 0.31 -28.26 -11.20
CA VAL B 302 0.48 -29.43 -12.06
C VAL B 302 -0.33 -29.21 -13.33
N ILE B 303 0.29 -29.50 -14.48
CA ILE B 303 -0.31 -29.13 -15.75
C ILE B 303 -1.57 -29.95 -16.00
N THR B 304 -2.65 -29.27 -16.34
CA THR B 304 -3.93 -29.89 -16.68
C THR B 304 -4.76 -28.81 -17.35
N TRP B 305 -5.76 -29.23 -18.13
CA TRP B 305 -6.50 -28.28 -18.94
C TRP B 305 -7.24 -27.24 -18.10
N GLN B 306 -7.68 -27.61 -16.90
CA GLN B 306 -8.27 -26.62 -16.00
C GLN B 306 -7.25 -25.53 -15.66
N THR B 307 -6.02 -25.94 -15.33
CA THR B 307 -4.98 -24.96 -15.06
C THR B 307 -4.63 -24.17 -16.30
N HIS B 308 -4.77 -24.77 -17.48
CA HIS B 308 -4.56 -24.03 -18.73
C HIS B 308 -5.54 -22.88 -18.85
N LEU B 309 -6.83 -23.15 -18.64
CA LEU B 309 -7.82 -22.08 -18.69
C LEU B 309 -7.56 -21.04 -17.60
N LEU B 310 -7.16 -21.51 -16.41
CA LEU B 310 -6.86 -20.57 -15.33
C LEU B 310 -5.70 -19.66 -15.70
N ALA B 311 -4.69 -20.21 -16.39
CA ALA B 311 -3.55 -19.39 -16.82
C ALA B 311 -3.97 -18.36 -17.86
N ILE B 312 -4.85 -18.74 -18.78
CA ILE B 312 -5.33 -17.76 -19.76
C ILE B 312 -6.08 -16.62 -19.05
N ALA B 313 -6.91 -16.97 -18.06
CA ALA B 313 -7.58 -15.93 -17.28
C ALA B 313 -6.58 -15.05 -16.57
N CYS B 314 -5.50 -15.65 -16.06
CA CYS B 314 -4.45 -14.86 -15.41
C CYS B 314 -3.83 -13.87 -16.37
N ALA B 315 -3.59 -14.29 -17.60
CA ALA B 315 -3.02 -13.39 -18.59
C ALA B 315 -3.95 -12.20 -18.84
N LEU B 316 -5.25 -12.46 -19.01
CA LEU B 316 -6.17 -11.36 -19.27
C LEU B 316 -6.23 -10.39 -18.10
N PHE B 317 -6.33 -10.92 -16.88
CA PHE B 317 -6.39 -10.07 -15.69
C PHE B 317 -5.12 -9.24 -15.55
N ALA B 318 -3.96 -9.85 -15.82
CA ALA B 318 -2.71 -9.12 -15.76
C ALA B 318 -2.66 -8.00 -16.77
N ALA B 319 -3.16 -8.24 -17.98
CA ALA B 319 -3.15 -7.19 -19.00
C ALA B 319 -4.00 -6.00 -18.57
N TYR B 320 -5.21 -6.26 -18.07
CA TYR B 320 -6.06 -5.15 -17.65
C TYR B 320 -5.46 -4.39 -16.47
N LEU B 321 -4.93 -5.10 -15.48
CA LEU B 321 -4.28 -4.42 -14.36
C LEU B 321 -3.07 -3.63 -14.85
N GLY B 322 -2.38 -4.11 -15.88
CA GLY B 322 -1.26 -3.37 -16.43
C GLY B 322 -1.68 -2.06 -17.04
N ALA B 323 -2.77 -2.06 -17.80
CA ALA B 323 -3.29 -0.81 -18.33
C ALA B 323 -3.65 0.15 -17.20
N ALA B 324 -4.32 -0.37 -16.16
CA ALA B 324 -4.73 0.49 -15.05
C ALA B 324 -3.54 1.13 -14.36
N LEU B 325 -2.54 0.32 -14.02
CA LEU B 325 -1.37 0.86 -13.33
C LEU B 325 -0.57 1.80 -14.22
N ALA B 326 -0.52 1.52 -15.53
CA ALA B 326 0.18 2.42 -16.44
C ALA B 326 -0.46 3.79 -16.45
N ASN B 327 -1.79 3.85 -16.47
CA ASN B 327 -2.44 5.15 -16.43
C ASN B 327 -2.31 5.83 -15.07
N MET B 328 -2.32 5.05 -13.99
CA MET B 328 -2.25 5.68 -12.66
C MET B 328 -0.87 6.22 -12.33
N LEU B 329 0.18 5.46 -12.61
CA LEU B 329 1.53 5.85 -12.20
C LEU B 329 2.14 6.93 -13.07
N SER B 330 1.47 7.34 -14.15
CA SER B 330 2.02 8.36 -15.03
C SER B 330 2.06 9.74 -14.40
N VAL B 331 1.33 9.95 -13.30
CA VAL B 331 1.34 11.26 -12.66
C VAL B 331 2.69 11.54 -12.02
N PHE B 332 3.26 10.55 -11.33
CA PHE B 332 4.57 10.71 -10.72
C PHE B 332 5.69 10.75 -11.75
N GLY B 333 5.44 10.29 -12.98
CA GLY B 333 6.48 10.21 -13.98
C GLY B 333 7.23 8.90 -14.03
N LEU B 334 6.71 7.85 -13.41
CA LEU B 334 7.35 6.54 -13.37
C LEU B 334 6.64 5.57 -14.31
N PRO B 335 7.37 4.59 -14.84
CA PRO B 335 6.75 3.60 -15.70
C PRO B 335 6.27 2.40 -14.91
N PRO B 336 5.30 1.66 -15.43
CA PRO B 336 4.89 0.41 -14.77
C PRO B 336 5.76 -0.75 -15.20
N CYS B 337 6.48 -1.37 -14.27
CA CYS B 337 7.45 -2.40 -14.60
C CYS B 337 7.22 -3.62 -13.71
N THR B 338 6.54 -4.62 -14.26
CA THR B 338 6.41 -5.94 -13.64
C THR B 338 5.68 -5.87 -12.29
N TRP B 339 4.89 -4.82 -12.08
CA TRP B 339 3.99 -4.79 -10.95
C TRP B 339 2.74 -5.63 -11.22
N PRO B 340 2.10 -5.48 -12.39
CA PRO B 340 0.89 -6.28 -12.65
C PRO B 340 1.13 -7.77 -12.60
N PHE B 341 2.27 -8.24 -13.12
CA PHE B 341 2.57 -9.67 -13.08
C PHE B 341 2.67 -10.16 -11.65
N CYS B 342 3.39 -9.43 -10.80
CA CYS B 342 3.54 -9.83 -9.41
C CYS B 342 2.20 -9.91 -8.72
N LEU B 343 1.40 -8.85 -8.83
CA LEU B 343 0.13 -8.84 -8.11
C LEU B 343 -0.82 -9.92 -8.62
N SER B 344 -0.92 -10.09 -9.94
CA SER B 344 -1.84 -11.09 -10.49
C SER B 344 -1.40 -12.50 -10.14
N ALA B 345 -0.11 -12.81 -10.30
CA ALA B 345 0.37 -14.14 -9.97
C ALA B 345 0.20 -14.44 -8.48
N LEU B 346 0.44 -13.45 -7.62
CA LEU B 346 0.22 -13.68 -6.20
C LEU B 346 -1.26 -13.89 -5.88
N THR B 347 -2.15 -13.16 -6.55
CA THR B 347 -3.57 -13.31 -6.23
C THR B 347 -4.18 -14.56 -6.84
N PHE B 348 -3.54 -15.20 -7.80
CA PHE B 348 -4.06 -16.48 -8.28
C PHE B 348 -3.34 -17.70 -7.70
N LEU B 349 -2.38 -17.51 -6.81
CA LEU B 349 -1.81 -18.64 -6.07
C LEU B 349 -2.38 -18.77 -4.67
N LEU B 350 -3.16 -17.79 -4.22
CA LEU B 350 -3.82 -17.87 -2.93
C LEU B 350 -5.25 -18.37 -3.02
N LEU B 351 -5.77 -18.56 -4.22
CA LEU B 351 -7.13 -19.07 -4.39
C LEU B 351 -7.20 -20.53 -3.98
N THR B 352 -8.28 -20.89 -3.29
CA THR B 352 -8.49 -22.25 -2.80
C THR B 352 -9.81 -22.78 -3.36
N THR B 353 -9.76 -23.97 -3.94
CA THR B 353 -10.93 -24.60 -4.52
C THR B 353 -11.01 -26.06 -4.10
N ASN B 354 -12.21 -26.62 -4.18
CA ASN B 354 -12.44 -28.02 -3.85
C ASN B 354 -12.25 -28.95 -5.03
N ASN B 355 -11.94 -28.43 -6.21
CA ASN B 355 -11.73 -29.29 -7.36
C ASN B 355 -10.43 -30.05 -7.16
N PRO B 356 -10.44 -31.38 -7.28
CA PRO B 356 -9.22 -32.15 -7.03
C PRO B 356 -8.18 -32.02 -8.12
N ALA B 357 -8.51 -31.45 -9.28
CA ALA B 357 -7.56 -31.35 -10.37
C ALA B 357 -6.66 -30.13 -10.28
N ILE B 358 -6.99 -29.15 -9.44
CA ILE B 358 -6.17 -27.95 -9.29
C ILE B 358 -5.30 -28.19 -8.06
N TYR B 359 -4.11 -28.73 -8.27
CA TYR B 359 -3.19 -29.09 -7.20
C TYR B 359 -2.05 -28.10 -7.16
N LYS B 360 -1.73 -27.60 -5.97
CA LYS B 360 -0.65 -26.64 -5.78
C LYS B 360 0.55 -27.36 -5.20
N LEU B 361 1.67 -27.32 -5.90
CA LEU B 361 2.86 -28.01 -5.47
C LEU B 361 3.55 -27.27 -4.34
N PRO B 362 4.22 -27.98 -3.44
CA PRO B 362 5.07 -27.32 -2.46
C PRO B 362 6.27 -26.67 -3.13
N LEU B 363 6.79 -25.62 -2.51
CA LEU B 363 7.89 -24.88 -3.11
C LEU B 363 9.21 -25.65 -3.08
N SER B 364 9.26 -26.78 -2.37
CA SER B 364 10.50 -27.53 -2.28
C SER B 364 10.70 -28.49 -3.44
N LYS B 365 9.76 -28.56 -4.38
CA LYS B 365 9.84 -29.56 -5.45
C LYS B 365 9.68 -29.00 -6.85
N VAL B 366 9.40 -27.72 -7.02
CA VAL B 366 9.14 -27.19 -8.35
C VAL B 366 10.46 -27.09 -9.11
N THR B 367 10.56 -27.85 -10.20
CA THR B 367 11.77 -27.83 -11.02
C THR B 367 11.49 -27.36 -12.44
N TYR B 368 10.62 -28.04 -13.16
CA TYR B 368 10.08 -27.58 -14.45
C TYR B 368 8.95 -28.53 -14.84
N PRO B 369 8.02 -28.07 -15.71
CA PRO B 369 6.69 -28.69 -15.76
C PRO B 369 6.66 -30.20 -15.96
N GLU B 370 7.51 -30.75 -16.83
CA GLU B 370 7.46 -32.19 -17.04
C GLU B 370 7.88 -32.95 -15.79
N ALA B 371 8.92 -32.48 -15.11
CA ALA B 371 9.34 -33.12 -13.87
C ALA B 371 8.25 -33.02 -12.82
N ASN B 372 7.56 -31.88 -12.75
CA ASN B 372 6.47 -31.73 -11.81
C ASN B 372 5.34 -32.71 -12.12
N ARG B 373 5.02 -32.88 -13.40
CA ARG B 373 4.00 -33.84 -13.80
C ARG B 373 4.38 -35.25 -13.36
N ILE B 374 5.62 -35.67 -13.64
CA ILE B 374 6.01 -37.04 -13.32
C ILE B 374 6.04 -37.25 -11.82
N TYR B 375 6.47 -36.22 -11.08
CA TYR B 375 6.50 -36.34 -9.62
C TYR B 375 5.09 -36.46 -9.04
N TYR B 376 4.15 -35.68 -9.57
CA TYR B 376 2.77 -35.78 -9.10
C TYR B 376 2.18 -37.14 -9.42
N LEU B 377 2.45 -37.65 -10.61
CA LEU B 377 1.85 -38.93 -11.00
C LEU B 377 2.46 -40.08 -10.20
N SER B 378 3.75 -40.00 -9.88
CA SER B 378 4.44 -41.13 -9.26
C SER B 378 3.82 -41.51 -7.93
N GLN B 379 3.54 -40.53 -7.08
CA GLN B 379 3.03 -40.82 -5.74
C GLN B 379 1.57 -40.42 -5.58
N SER C 52 -37.23 -27.48 -7.40
CA SER C 52 -36.65 -26.99 -8.65
C SER C 52 -35.46 -26.08 -8.38
N PRO C 53 -34.35 -26.34 -9.08
CA PRO C 53 -33.13 -25.55 -8.83
C PRO C 53 -33.30 -24.07 -9.11
N VAL C 54 -34.14 -23.70 -10.08
CA VAL C 54 -34.23 -22.30 -10.49
C VAL C 54 -34.74 -21.42 -9.35
N PHE C 55 -35.75 -21.89 -8.62
CA PHE C 55 -36.26 -21.13 -7.49
C PHE C 55 -35.18 -20.94 -6.43
N GLN C 56 -34.41 -22.00 -6.16
CA GLN C 56 -33.31 -21.87 -5.22
C GLN C 56 -32.29 -20.85 -5.69
N PHE C 57 -32.00 -20.84 -7.00
CA PHE C 57 -31.04 -19.89 -7.52
C PHE C 57 -31.52 -18.46 -7.34
N PHE C 58 -32.79 -18.19 -7.64
CA PHE C 58 -33.28 -16.83 -7.48
C PHE C 58 -33.35 -16.43 -6.02
N ASP C 59 -33.64 -17.38 -5.12
CA ASP C 59 -33.53 -17.09 -3.71
C ASP C 59 -32.10 -16.68 -3.35
N TRP C 60 -31.11 -17.36 -3.94
CA TRP C 60 -29.72 -17.02 -3.69
C TRP C 60 -29.40 -15.60 -4.16
N VAL C 61 -29.87 -15.22 -5.35
CA VAL C 61 -29.55 -13.86 -5.81
C VAL C 61 -30.27 -12.82 -4.97
N LEU C 62 -31.49 -13.11 -4.51
CA LEU C 62 -32.18 -12.15 -3.64
C LEU C 62 -31.43 -11.96 -2.33
N ARG C 63 -30.96 -13.06 -1.74
CA ARG C 63 -30.19 -12.95 -0.50
C ARG C 63 -28.91 -12.17 -0.74
N GLY C 64 -28.25 -12.42 -1.88
CA GLY C 64 -27.05 -11.67 -2.20
C GLY C 64 -27.31 -10.18 -2.32
N THR C 65 -28.43 -9.80 -2.93
CA THR C 65 -28.78 -8.40 -3.01
C THR C 65 -29.02 -7.81 -1.63
N SER C 66 -29.71 -8.56 -0.77
CA SER C 66 -30.00 -8.05 0.57
C SER C 66 -28.74 -7.89 1.41
N GLN C 67 -27.72 -8.71 1.16
CA GLN C 67 -26.58 -8.82 2.06
C GLN C 67 -25.69 -7.57 2.08
N VAL C 68 -26.04 -6.55 1.29
CA VAL C 68 -25.19 -5.36 1.23
C VAL C 68 -25.15 -4.64 2.58
N MET C 69 -26.27 -4.63 3.30
CA MET C 69 -26.38 -3.96 4.58
C MET C 69 -26.50 -4.96 5.73
N PHE C 70 -25.79 -6.08 5.64
CA PHE C 70 -25.72 -7.09 6.68
C PHE C 70 -27.08 -7.66 7.07
N VAL C 71 -27.98 -7.83 6.10
CA VAL C 71 -29.30 -8.38 6.35
C VAL C 71 -29.52 -9.55 5.41
N ASN C 72 -30.00 -10.66 5.95
CA ASN C 72 -30.15 -11.92 5.23
C ASN C 72 -31.63 -12.29 5.20
N ASN C 73 -32.36 -11.78 4.21
CA ASN C 73 -33.80 -12.04 4.11
C ASN C 73 -34.29 -11.72 2.70
N PRO C 74 -35.00 -12.66 2.05
CA PRO C 74 -35.48 -12.39 0.68
C PRO C 74 -36.42 -11.21 0.58
N LEU C 75 -37.28 -10.98 1.58
CA LEU C 75 -38.21 -9.86 1.51
C LEU C 75 -37.47 -8.53 1.45
N SER C 76 -36.41 -8.40 2.25
CA SER C 76 -35.58 -7.21 2.18
C SER C 76 -34.99 -7.03 0.79
N GLY C 77 -34.60 -8.14 0.16
CA GLY C 77 -34.08 -8.05 -1.20
C GLY C 77 -35.13 -7.56 -2.18
N ILE C 78 -36.36 -8.03 -2.05
CA ILE C 78 -37.44 -7.55 -2.91
C ILE C 78 -37.63 -6.05 -2.73
N LEU C 79 -37.60 -5.60 -1.47
CA LEU C 79 -37.75 -4.16 -1.22
C LEU C 79 -36.60 -3.36 -1.83
N ILE C 80 -35.38 -3.88 -1.72
CA ILE C 80 -34.23 -3.18 -2.29
C ILE C 80 -34.38 -3.05 -3.80
N ILE C 81 -34.81 -4.14 -4.45
CA ILE C 81 -34.98 -4.10 -5.90
C ILE C 81 -36.08 -3.10 -6.27
N LEU C 82 -37.15 -3.05 -5.48
CA LEU C 82 -38.20 -2.07 -5.75
C LEU C 82 -37.67 -0.65 -5.65
N GLY C 83 -36.85 -0.38 -4.63
CA GLY C 83 -36.26 0.95 -4.52
C GLY C 83 -35.36 1.28 -5.70
N LEU C 84 -34.52 0.33 -6.11
CA LEU C 84 -33.64 0.57 -7.24
C LEU C 84 -34.43 0.87 -8.51
N PHE C 85 -35.50 0.10 -8.75
CA PHE C 85 -36.33 0.39 -9.91
C PHE C 85 -37.07 1.72 -9.79
N ILE C 86 -37.33 2.17 -8.56
CA ILE C 86 -37.87 3.51 -8.41
C ILE C 86 -36.84 4.55 -8.84
N GLN C 87 -35.58 4.34 -8.49
CA GLN C 87 -34.54 5.31 -8.83
C GLN C 87 -34.32 5.48 -10.33
N ASN C 88 -33.77 4.45 -10.99
CA ASN C 88 -33.41 4.48 -12.41
C ASN C 88 -33.42 3.05 -12.92
N PRO C 89 -34.27 2.72 -13.89
CA PRO C 89 -34.33 1.33 -14.37
C PRO C 89 -33.01 0.79 -14.90
N TRP C 90 -32.22 1.62 -15.60
CA TRP C 90 -30.98 1.14 -16.18
C TRP C 90 -30.00 0.69 -15.10
N TRP C 91 -29.91 1.45 -14.01
CA TRP C 91 -29.03 1.08 -12.92
C TRP C 91 -29.44 -0.24 -12.30
N ALA C 92 -30.75 -0.45 -12.12
CA ALA C 92 -31.25 -1.70 -11.57
C ALA C 92 -30.92 -2.88 -12.48
N ILE C 93 -31.07 -2.69 -13.79
CA ILE C 93 -30.73 -3.76 -14.73
C ILE C 93 -29.26 -4.13 -14.60
N SER C 94 -28.39 -3.11 -14.56
CA SER C 94 -26.97 -3.40 -14.47
C SER C 94 -26.63 -4.12 -13.17
N GLY C 95 -27.22 -3.69 -12.06
CA GLY C 95 -26.93 -4.33 -10.78
C GLY C 95 -27.40 -5.76 -10.72
N CYS C 96 -28.61 -6.04 -11.21
CA CYS C 96 -29.11 -7.40 -11.20
C CYS C 96 -28.26 -8.30 -12.08
N LEU C 97 -27.86 -7.80 -13.25
CA LEU C 97 -26.99 -8.60 -14.10
C LEU C 97 -25.67 -8.90 -13.41
N GLY C 98 -25.11 -7.90 -12.72
CA GLY C 98 -23.85 -8.13 -12.03
C GLY C 98 -23.95 -9.19 -10.96
N THR C 99 -25.01 -9.12 -10.13
CA THR C 99 -25.12 -10.10 -9.06
C THR C 99 -25.38 -11.50 -9.61
N ILE C 100 -26.18 -11.62 -10.68
CA ILE C 100 -26.43 -12.93 -11.26
C ILE C 100 -25.13 -13.54 -11.77
N MET C 101 -24.35 -12.74 -12.51
CA MET C 101 -23.11 -13.29 -13.06
C MET C 101 -22.10 -13.63 -11.97
N SER C 102 -22.03 -12.81 -10.92
CA SER C 102 -21.11 -13.11 -9.83
C SER C 102 -21.48 -14.43 -9.14
N THR C 103 -22.78 -14.62 -8.87
CA THR C 103 -23.19 -15.87 -8.22
C THR C 103 -22.90 -17.07 -9.11
N LEU C 104 -23.14 -16.94 -10.41
CA LEU C 104 -22.89 -18.06 -11.31
C LEU C 104 -21.40 -18.40 -11.36
N THR C 105 -20.54 -17.38 -11.40
CA THR C 105 -19.11 -17.64 -11.42
C THR C 105 -18.66 -18.29 -10.13
N ALA C 106 -19.18 -17.83 -8.99
CA ALA C 106 -18.84 -18.46 -7.72
C ALA C 106 -19.26 -19.92 -7.70
N LEU C 107 -20.44 -20.23 -8.26
CA LEU C 107 -20.87 -21.61 -8.34
C LEU C 107 -19.95 -22.44 -9.23
N ILE C 108 -19.50 -21.88 -10.35
CA ILE C 108 -18.63 -22.61 -11.26
C ILE C 108 -17.30 -22.92 -10.59
N LEU C 109 -16.72 -21.95 -9.88
CA LEU C 109 -15.44 -22.20 -9.24
C LEU C 109 -15.53 -23.16 -8.06
N SER C 110 -16.74 -23.53 -7.64
CA SER C 110 -16.96 -24.55 -6.61
C SER C 110 -16.31 -24.16 -5.28
N GLN C 111 -16.77 -23.04 -4.73
CA GLN C 111 -16.41 -22.64 -3.38
C GLN C 111 -17.33 -23.37 -2.39
N ASP C 112 -17.33 -22.91 -1.14
CA ASP C 112 -18.17 -23.54 -0.13
C ASP C 112 -19.64 -23.40 -0.48
N LYS C 113 -20.40 -24.45 -0.17
CA LYS C 113 -21.83 -24.48 -0.48
C LYS C 113 -22.65 -23.59 0.43
N SER C 114 -22.38 -23.63 1.74
CA SER C 114 -23.16 -22.83 2.69
C SER C 114 -22.98 -21.34 2.44
N ALA C 115 -21.76 -20.93 2.10
CA ALA C 115 -21.51 -19.51 1.83
C ALA C 115 -22.34 -19.02 0.66
N ILE C 116 -22.40 -19.80 -0.42
CA ILE C 116 -23.22 -19.41 -1.56
C ILE C 116 -24.69 -19.41 -1.17
N ALA C 117 -25.12 -20.44 -0.44
CA ALA C 117 -26.52 -20.53 -0.05
C ALA C 117 -26.94 -19.40 0.88
N ALA C 118 -25.99 -18.79 1.59
CA ALA C 118 -26.31 -17.67 2.47
C ALA C 118 -26.19 -16.33 1.77
N GLY C 119 -25.61 -16.29 0.56
CA GLY C 119 -25.54 -15.07 -0.20
C GLY C 119 -24.26 -14.28 -0.06
N PHE C 120 -23.22 -14.83 0.55
CA PHE C 120 -21.99 -14.09 0.76
C PHE C 120 -21.27 -13.78 -0.54
N HIS C 121 -21.61 -14.45 -1.63
CA HIS C 121 -20.91 -14.25 -2.90
C HIS C 121 -21.66 -13.33 -3.86
N GLY C 122 -22.79 -12.77 -3.45
CA GLY C 122 -23.59 -11.98 -4.36
C GLY C 122 -23.67 -10.51 -4.05
N TYR C 123 -23.13 -10.09 -2.90
CA TYR C 123 -23.24 -8.69 -2.50
C TYR C 123 -22.15 -7.81 -3.08
N ASN C 124 -21.25 -8.36 -3.89
CA ASN C 124 -20.25 -7.56 -4.58
C ASN C 124 -20.59 -7.29 -6.03
N GLY C 125 -21.37 -8.17 -6.66
CA GLY C 125 -21.75 -7.94 -8.04
C GLY C 125 -22.69 -6.76 -8.21
N VAL C 126 -23.65 -6.61 -7.29
CA VAL C 126 -24.63 -5.54 -7.42
C VAL C 126 -23.95 -4.18 -7.30
N LEU C 127 -23.00 -4.05 -6.38
CA LEU C 127 -22.31 -2.78 -6.22
C LEU C 127 -21.47 -2.44 -7.44
N VAL C 128 -20.75 -3.42 -7.99
CA VAL C 128 -19.91 -3.13 -9.15
C VAL C 128 -20.77 -2.77 -10.35
N GLY C 129 -21.91 -3.44 -10.52
CA GLY C 129 -22.81 -3.07 -11.60
C GLY C 129 -23.36 -1.66 -11.44
N LEU C 130 -23.82 -1.33 -10.24
CA LEU C 130 -24.40 -0.01 -10.01
C LEU C 130 -23.37 1.09 -10.21
N LEU C 131 -22.16 0.91 -9.67
CA LEU C 131 -21.15 1.94 -9.80
C LEU C 131 -20.56 2.03 -11.20
N MET C 132 -20.62 0.96 -11.99
CA MET C 132 -20.25 1.08 -13.39
C MET C 132 -21.33 1.81 -14.18
N ALA C 133 -22.59 1.63 -13.80
CA ALA C 133 -23.65 2.35 -14.48
C ALA C 133 -23.75 3.82 -14.05
N VAL C 134 -23.21 4.18 -12.89
CA VAL C 134 -23.33 5.56 -12.42
C VAL C 134 -22.29 6.45 -13.09
N PHE C 135 -21.02 6.08 -13.02
CA PHE C 135 -19.94 6.88 -13.61
C PHE C 135 -19.78 6.53 -15.09
N SER C 136 -20.78 6.95 -15.87
CA SER C 136 -20.74 6.73 -17.31
C SER C 136 -21.22 8.00 -18.01
N ASP C 137 -20.48 8.43 -19.01
CA ASP C 137 -20.79 9.66 -19.72
C ASP C 137 -21.66 9.43 -20.94
N LYS C 138 -21.85 8.18 -21.37
CA LYS C 138 -22.61 7.93 -22.58
C LYS C 138 -24.09 8.18 -22.41
N GLY C 139 -24.61 8.05 -21.20
CA GLY C 139 -26.00 8.32 -20.93
C GLY C 139 -26.79 7.06 -20.66
N ASP C 140 -28.10 7.21 -20.60
CA ASP C 140 -28.98 6.09 -20.33
C ASP C 140 -29.08 5.17 -21.54
N TYR C 141 -29.15 3.88 -21.28
CA TYR C 141 -29.39 2.86 -22.29
C TYR C 141 -28.29 2.85 -23.35
N TYR C 142 -27.07 2.56 -22.90
CA TYR C 142 -25.92 2.32 -23.76
C TYR C 142 -25.59 0.83 -23.62
N TRP C 143 -26.16 0.02 -24.51
CA TRP C 143 -26.18 -1.42 -24.30
C TRP C 143 -24.78 -2.02 -24.22
N TRP C 144 -23.82 -1.46 -24.95
CA TRP C 144 -22.47 -2.03 -24.95
C TRP C 144 -21.88 -2.09 -23.54
N LEU C 145 -22.32 -1.22 -22.64
CA LEU C 145 -21.79 -1.23 -21.28
C LEU C 145 -22.03 -2.56 -20.58
N LEU C 146 -22.99 -3.37 -21.06
CA LEU C 146 -23.23 -4.66 -20.44
C LEU C 146 -22.12 -5.66 -20.72
N LEU C 147 -21.20 -5.35 -21.63
CA LEU C 147 -20.12 -6.31 -21.90
C LEU C 147 -19.07 -6.29 -20.79
N PRO C 148 -18.52 -5.13 -20.41
CA PRO C 148 -17.56 -5.15 -19.29
C PRO C 148 -18.17 -5.62 -17.98
N VAL C 149 -19.44 -5.35 -17.74
CA VAL C 149 -20.08 -5.75 -16.48
C VAL C 149 -20.01 -7.26 -16.30
N ILE C 150 -20.16 -8.02 -17.39
CA ILE C 150 -20.02 -9.47 -17.29
C ILE C 150 -18.61 -9.85 -16.89
N ILE C 151 -17.60 -9.15 -17.41
CA ILE C 151 -16.22 -9.58 -17.20
C ILE C 151 -15.78 -9.27 -15.77
N MET C 152 -15.85 -8.00 -15.37
CA MET C 152 -15.34 -7.61 -14.07
C MET C 152 -16.07 -8.30 -12.94
N SER C 153 -17.35 -8.60 -13.12
CA SER C 153 -18.09 -9.32 -12.09
C SER C 153 -17.44 -10.66 -11.81
N MET C 154 -16.95 -11.34 -12.84
CA MET C 154 -16.26 -12.61 -12.66
C MET C 154 -15.04 -12.50 -11.76
N SER C 155 -14.50 -11.30 -11.59
CA SER C 155 -13.33 -11.10 -10.75
C SER C 155 -13.68 -10.93 -9.28
N CYS C 156 -14.95 -10.92 -8.93
CA CYS C 156 -15.32 -10.76 -7.53
C CYS C 156 -15.20 -12.07 -6.75
N PRO C 157 -15.67 -13.21 -7.26
CA PRO C 157 -15.46 -14.45 -6.51
C PRO C 157 -14.01 -14.82 -6.31
N ILE C 158 -13.14 -14.49 -7.27
CA ILE C 158 -11.74 -14.86 -7.13
C ILE C 158 -11.08 -14.09 -5.99
N LEU C 159 -11.13 -12.76 -6.07
CA LEU C 159 -10.44 -11.93 -5.09
C LEU C 159 -10.95 -12.20 -3.68
N SER C 160 -12.27 -12.26 -3.52
CA SER C 160 -12.84 -12.53 -2.21
C SER C 160 -12.42 -13.87 -1.66
N SER C 161 -11.95 -14.78 -2.50
CA SER C 161 -11.38 -16.02 -2.00
C SER C 161 -9.93 -15.82 -1.60
N ALA C 162 -9.15 -15.12 -2.43
CA ALA C 162 -7.72 -14.97 -2.16
C ALA C 162 -7.49 -14.27 -0.82
N LEU C 163 -8.11 -13.11 -0.63
CA LEU C 163 -8.00 -12.42 0.64
C LEU C 163 -8.47 -13.30 1.79
N GLY C 164 -9.44 -14.18 1.53
CA GLY C 164 -9.93 -15.07 2.56
C GLY C 164 -8.86 -15.97 3.14
N THR C 165 -7.84 -16.31 2.37
CA THR C 165 -6.76 -17.11 2.91
C THR C 165 -5.82 -16.29 3.78
N ILE C 166 -5.70 -14.99 3.50
CA ILE C 166 -4.79 -14.16 4.28
C ILE C 166 -5.41 -13.76 5.61
N PHE C 167 -6.66 -13.31 5.58
CA PHE C 167 -7.31 -12.78 6.78
C PHE C 167 -7.69 -13.87 7.77
N SER C 168 -7.74 -15.13 7.36
CA SER C 168 -8.18 -16.18 8.27
C SER C 168 -7.19 -16.41 9.41
N LYS C 169 -5.94 -15.99 9.27
CA LYS C 169 -4.99 -16.12 10.35
C LYS C 169 -5.45 -15.35 11.58
N TRP C 170 -5.91 -14.11 11.39
CA TRP C 170 -6.36 -13.28 12.48
C TRP C 170 -7.87 -13.31 12.67
N ASP C 171 -8.57 -14.15 11.90
CA ASP C 171 -10.02 -14.33 12.05
C ASP C 171 -10.73 -12.99 11.86
N LEU C 172 -10.66 -12.50 10.62
CA LEU C 172 -11.29 -11.26 10.20
C LEU C 172 -12.07 -11.48 8.91
N PRO C 173 -13.08 -10.66 8.65
CA PRO C 173 -13.84 -10.79 7.39
C PRO C 173 -13.23 -9.94 6.28
N VAL C 174 -13.69 -10.24 5.06
CA VAL C 174 -13.30 -9.48 3.87
C VAL C 174 -14.50 -8.59 3.54
N PHE C 175 -14.48 -7.36 4.08
CA PHE C 175 -15.67 -6.54 4.08
C PHE C 175 -16.18 -6.18 2.69
N THR C 176 -15.44 -5.32 1.98
CA THR C 176 -15.88 -4.90 0.65
C THR C 176 -14.67 -4.71 -0.26
N LEU C 177 -13.52 -5.25 0.12
CA LEU C 177 -12.30 -5.01 -0.64
C LEU C 177 -12.38 -5.46 -2.10
N PRO C 178 -12.95 -6.61 -2.46
CA PRO C 178 -13.00 -6.97 -3.88
C PRO C 178 -13.72 -5.94 -4.74
N PHE C 179 -14.83 -5.39 -4.26
CA PHE C 179 -15.56 -4.38 -5.03
C PHE C 179 -14.70 -3.14 -5.25
N ASN C 180 -14.01 -2.70 -4.19
CA ASN C 180 -13.15 -1.53 -4.32
C ASN C 180 -12.05 -1.78 -5.34
N ILE C 181 -11.39 -2.93 -5.25
CA ILE C 181 -10.28 -3.22 -6.15
C ILE C 181 -10.76 -3.26 -7.59
N THR C 182 -11.86 -3.97 -7.84
CA THR C 182 -12.35 -4.10 -9.21
C THR C 182 -12.78 -2.76 -9.79
N VAL C 183 -13.52 -1.96 -9.01
CA VAL C 183 -14.02 -0.70 -9.55
C VAL C 183 -12.88 0.29 -9.77
N THR C 184 -11.92 0.35 -8.84
CA THR C 184 -10.77 1.21 -9.06
C THR C 184 -10.01 0.79 -10.30
N LEU C 185 -9.81 -0.52 -10.48
CA LEU C 185 -9.10 -1.01 -11.65
C LEU C 185 -9.80 -0.58 -12.94
N TYR C 186 -11.11 -0.79 -13.01
CA TYR C 186 -11.84 -0.45 -14.23
C TYR C 186 -11.82 1.05 -14.50
N LEU C 187 -12.14 1.85 -13.49
CA LEU C 187 -12.21 3.29 -13.69
C LEU C 187 -10.85 3.87 -14.07
N ALA C 188 -9.78 3.36 -13.46
CA ALA C 188 -8.45 3.85 -13.84
C ALA C 188 -8.05 3.37 -15.23
N ALA C 189 -8.45 2.15 -15.61
CA ALA C 189 -8.04 1.62 -16.91
C ALA C 189 -8.73 2.35 -18.05
N THR C 190 -10.00 2.73 -17.86
CA THR C 190 -10.72 3.36 -18.96
C THR C 190 -10.37 4.84 -19.07
N GLY C 191 -10.68 5.62 -18.06
CA GLY C 191 -10.34 7.03 -18.06
C GLY C 191 -11.36 7.87 -18.82
N HIS C 192 -11.24 9.19 -18.65
CA HIS C 192 -12.15 10.10 -19.33
C HIS C 192 -11.85 10.20 -20.82
N TYR C 193 -10.58 10.16 -21.20
CA TYR C 193 -10.20 10.31 -22.61
C TYR C 193 -10.12 8.94 -23.28
N ASN C 194 -11.26 8.25 -23.28
CA ASN C 194 -11.39 6.94 -23.87
C ASN C 194 -12.37 6.99 -25.03
N LEU C 195 -12.19 6.09 -25.98
CA LEU C 195 -13.00 6.11 -27.19
C LEU C 195 -14.22 5.21 -27.12
N PHE C 196 -14.33 4.35 -26.11
CA PHE C 196 -15.41 3.38 -26.03
C PHE C 196 -16.28 3.53 -24.78
N PHE C 197 -15.66 3.66 -23.61
CA PHE C 197 -16.40 3.76 -22.35
C PHE C 197 -15.89 4.96 -21.56
N PRO C 198 -16.20 6.17 -21.99
CA PRO C 198 -15.71 7.36 -21.29
C PRO C 198 -16.35 7.49 -19.91
N THR C 199 -15.63 8.15 -19.01
CA THR C 199 -16.09 8.37 -17.64
C THR C 199 -16.24 9.87 -17.37
N THR C 200 -17.00 10.18 -16.32
CA THR C 200 -17.22 11.56 -15.93
C THR C 200 -15.97 12.13 -15.26
N LEU C 201 -15.99 13.44 -15.05
CA LEU C 201 -14.80 14.19 -14.64
C LEU C 201 -14.80 14.40 -13.13
N LEU C 202 -13.65 14.13 -12.51
CA LEU C 202 -13.35 14.57 -11.16
C LEU C 202 -12.02 15.31 -11.18
N GLN C 203 -11.95 16.44 -10.50
CA GLN C 203 -10.77 17.29 -10.55
C GLN C 203 -10.45 17.86 -9.17
N PRO C 204 -9.17 17.94 -8.80
CA PRO C 204 -8.81 18.48 -7.50
C PRO C 204 -9.16 19.96 -7.38
N ALA C 205 -9.47 20.38 -6.16
CA ALA C 205 -9.83 21.77 -5.91
C ALA C 205 -8.67 22.70 -6.20
N SER C 206 -8.98 23.91 -6.66
CA SER C 206 -7.97 24.86 -7.09
C SER C 206 -8.09 26.23 -6.46
N ALA C 207 -9.21 26.55 -5.81
CA ALA C 207 -9.40 27.87 -5.23
C ALA C 207 -10.12 27.73 -3.90
N MET C 208 -10.01 28.78 -3.09
CA MET C 208 -10.63 28.75 -1.76
C MET C 208 -12.15 28.78 -1.90
N PRO C 209 -12.87 27.82 -1.32
CA PRO C 209 -14.32 27.76 -1.50
C PRO C 209 -15.04 28.97 -0.96
N ASN C 210 -16.26 29.22 -1.45
CA ASN C 210 -17.09 30.32 -0.98
C ASN C 210 -18.26 29.79 -0.17
N ILE C 211 -18.26 30.09 1.13
CA ILE C 211 -19.29 29.64 2.05
C ILE C 211 -19.82 30.84 2.79
N THR C 212 -21.14 31.01 2.80
CA THR C 212 -21.80 32.04 3.59
C THR C 212 -22.73 31.35 4.57
N TRP C 213 -22.41 31.42 5.86
CA TRP C 213 -23.16 30.68 6.86
C TRP C 213 -24.57 31.21 7.06
N SER C 214 -24.90 32.37 6.47
CA SER C 214 -26.24 32.91 6.59
C SER C 214 -27.24 32.25 5.66
N GLU C 215 -26.79 31.36 4.78
CA GLU C 215 -27.67 30.71 3.83
C GLU C 215 -27.91 29.23 4.12
N VAL C 216 -27.41 28.72 5.24
CA VAL C 216 -27.65 27.32 5.58
C VAL C 216 -29.13 27.11 5.85
N GLN C 217 -29.66 25.99 5.36
CA GLN C 217 -31.09 25.68 5.44
C GLN C 217 -31.28 24.42 6.26
N VAL C 218 -31.87 24.55 7.44
CA VAL C 218 -32.07 23.39 8.32
C VAL C 218 -32.88 22.29 7.66
N PRO C 219 -33.96 22.56 6.90
CA PRO C 219 -34.71 21.47 6.25
C PRO C 219 -33.84 20.45 5.54
N LEU C 220 -33.02 20.88 4.58
CA LEU C 220 -32.21 19.94 3.83
C LEU C 220 -31.13 19.30 4.68
N LEU C 221 -30.60 20.05 5.66
CA LEU C 221 -29.59 19.48 6.54
C LEU C 221 -30.15 18.29 7.31
N LEU C 222 -31.38 18.41 7.79
CA LEU C 222 -32.04 17.25 8.39
C LEU C 222 -32.37 16.19 7.35
N ARG C 223 -32.75 16.61 6.14
CA ARG C 223 -33.07 15.67 5.08
C ARG C 223 -31.89 14.80 4.69
N ALA C 224 -30.66 15.25 4.95
CA ALA C 224 -29.48 14.53 4.52
C ALA C 224 -29.35 13.13 5.12
N ILE C 225 -30.19 12.74 6.07
CA ILE C 225 -30.04 11.42 6.70
C ILE C 225 -30.60 10.31 5.82
N PRO C 226 -31.87 10.37 5.38
CA PRO C 226 -32.34 9.31 4.47
C PRO C 226 -31.57 9.23 3.15
N VAL C 227 -31.17 10.37 2.59
CA VAL C 227 -30.34 10.32 1.39
C VAL C 227 -28.99 9.70 1.71
N GLY C 228 -28.46 9.99 2.89
CA GLY C 228 -27.21 9.39 3.30
C GLY C 228 -27.29 7.88 3.38
N ILE C 229 -28.39 7.37 3.92
CA ILE C 229 -28.52 5.91 4.02
C ILE C 229 -28.85 5.31 2.67
N GLY C 230 -29.47 6.08 1.78
CA GLY C 230 -29.75 5.60 0.45
C GLY C 230 -28.56 5.59 -0.48
N GLN C 231 -27.56 6.41 -0.19
CA GLN C 231 -26.40 6.50 -1.07
C GLN C 231 -25.50 5.27 -0.98
N VAL C 232 -25.83 4.30 -0.13
CA VAL C 232 -25.03 3.08 -0.07
C VAL C 232 -25.06 2.35 -1.40
N TYR C 233 -26.21 2.35 -2.08
CA TYR C 233 -26.35 1.72 -3.38
C TYR C 233 -26.14 2.70 -4.54
N GLY C 234 -25.84 3.96 -4.25
CA GLY C 234 -25.63 4.94 -5.30
C GLY C 234 -26.84 5.78 -5.65
N CYS C 235 -27.97 5.58 -4.99
CA CYS C 235 -29.18 6.34 -5.28
C CYS C 235 -29.19 7.63 -4.45
N ASP C 236 -29.95 8.63 -4.93
CA ASP C 236 -29.98 9.94 -4.29
C ASP C 236 -31.39 10.47 -4.08
N ASN C 237 -32.37 9.61 -4.06
CA ASN C 237 -33.75 10.07 -3.91
C ASN C 237 -34.21 9.81 -2.49
N PRO C 238 -34.92 10.74 -1.85
CA PRO C 238 -35.41 10.46 -0.49
C PRO C 238 -36.32 9.24 -0.41
N TRP C 239 -37.13 9.01 -1.44
CA TRP C 239 -38.08 7.90 -1.39
C TRP C 239 -37.36 6.56 -1.28
N THR C 240 -36.31 6.36 -2.06
CA THR C 240 -35.57 5.11 -1.97
C THR C 240 -34.87 4.98 -0.63
N GLY C 241 -34.47 6.11 -0.04
CA GLY C 241 -33.90 6.06 1.29
C GLY C 241 -34.90 5.57 2.32
N GLY C 242 -36.13 6.10 2.26
CA GLY C 242 -37.16 5.62 3.17
C GLY C 242 -37.48 4.16 2.96
N ILE C 243 -37.55 3.72 1.70
CA ILE C 243 -37.82 2.31 1.42
C ILE C 243 -36.72 1.43 1.98
N PHE C 244 -35.45 1.85 1.82
CA PHE C 244 -34.34 1.08 2.37
C PHE C 244 -34.42 1.03 3.89
N LEU C 245 -34.80 2.13 4.52
CA LEU C 245 -34.94 2.12 5.97
C LEU C 245 -36.00 1.13 6.42
N ILE C 246 -37.13 1.10 5.72
CA ILE C 246 -38.18 0.13 6.06
C ILE C 246 -37.68 -1.29 5.87
N ALA C 247 -36.96 -1.53 4.77
CA ALA C 247 -36.46 -2.88 4.50
C ALA C 247 -35.50 -3.33 5.58
N LEU C 248 -34.64 -2.42 6.06
CA LEU C 248 -33.78 -2.76 7.19
C LEU C 248 -34.58 -3.03 8.44
N PHE C 249 -35.61 -2.22 8.71
CA PHE C 249 -36.35 -2.36 9.96
C PHE C 249 -37.15 -3.65 10.02
N ILE C 250 -37.58 -4.17 8.86
CA ILE C 250 -38.37 -5.40 8.88
C ILE C 250 -37.60 -6.54 9.54
N SER C 251 -36.29 -6.62 9.28
CA SER C 251 -35.51 -7.74 9.79
C SER C 251 -35.00 -7.54 11.21
N SER C 252 -34.37 -6.39 11.49
CA SER C 252 -33.80 -6.18 12.82
C SER C 252 -33.75 -4.70 13.16
N PRO C 253 -34.44 -4.27 14.22
CA PRO C 253 -34.47 -2.84 14.55
C PRO C 253 -33.10 -2.25 14.87
N LEU C 254 -32.20 -3.04 15.46
CA LEU C 254 -30.92 -2.49 15.90
C LEU C 254 -30.10 -1.99 14.72
N ILE C 255 -30.13 -2.73 13.62
CA ILE C 255 -29.39 -2.31 12.42
C ILE C 255 -29.93 -0.99 11.90
N CYS C 256 -31.25 -0.84 11.87
CA CYS C 256 -31.84 0.41 11.38
C CYS C 256 -31.46 1.59 12.28
N LEU C 257 -31.56 1.40 13.59
CA LEU C 257 -31.20 2.48 14.51
C LEU C 257 -29.75 2.87 14.36
N HIS C 258 -28.85 1.89 14.26
CA HIS C 258 -27.45 2.20 14.14
C HIS C 258 -27.13 2.85 12.80
N ALA C 259 -27.83 2.47 11.74
CA ALA C 259 -27.64 3.14 10.46
C ALA C 259 -28.04 4.61 10.55
N ALA C 260 -29.17 4.90 11.18
CA ALA C 260 -29.59 6.30 11.33
C ALA C 260 -28.57 7.08 12.14
N ILE C 261 -28.09 6.50 13.25
CA ILE C 261 -27.12 7.21 14.09
C ILE C 261 -25.83 7.45 13.33
N GLY C 262 -25.37 6.46 12.56
CA GLY C 262 -24.16 6.64 11.78
C GLY C 262 -24.30 7.71 10.72
N SER C 263 -25.45 7.76 10.04
CA SER C 263 -25.66 8.80 9.05
C SER C 263 -25.65 10.18 9.69
N THR C 264 -26.29 10.32 10.85
CA THR C 264 -26.27 11.61 11.53
C THR C 264 -24.85 11.99 11.94
N MET C 265 -24.09 11.03 12.44
CA MET C 265 -22.71 11.30 12.82
C MET C 265 -21.88 11.75 11.63
N GLY C 266 -22.06 11.09 10.48
CA GLY C 266 -21.34 11.50 9.29
C GLY C 266 -21.72 12.89 8.83
N MET C 267 -23.00 13.23 8.89
CA MET C 267 -23.42 14.57 8.49
C MET C 267 -22.86 15.63 9.43
N LEU C 268 -22.85 15.37 10.73
CA LEU C 268 -22.31 16.35 11.67
C LEU C 268 -20.81 16.50 11.52
N ALA C 269 -20.09 15.41 11.27
CA ALA C 269 -18.64 15.46 11.23
C ALA C 269 -18.11 16.32 10.08
N ALA C 270 -18.91 16.56 9.05
CA ALA C 270 -18.43 17.30 7.89
C ALA C 270 -18.58 18.80 8.02
N LEU C 271 -19.28 19.29 9.05
CA LEU C 271 -19.42 20.71 9.25
C LEU C 271 -18.28 21.33 10.05
N THR C 272 -17.35 20.52 10.54
CA THR C 272 -16.22 21.04 11.29
C THR C 272 -14.99 21.29 10.43
N ILE C 273 -15.05 21.01 9.13
CA ILE C 273 -13.94 21.30 8.24
C ILE C 273 -14.40 22.09 7.02
N ALA C 274 -15.57 22.73 7.11
CA ALA C 274 -16.07 23.67 6.11
C ALA C 274 -16.19 23.01 4.73
N THR C 275 -16.82 21.85 4.72
CA THR C 275 -17.13 21.20 3.45
C THR C 275 -18.20 22.01 2.72
N PRO C 276 -18.10 22.13 1.40
CA PRO C 276 -19.14 22.83 0.65
C PRO C 276 -20.50 22.18 0.83
N PHE C 277 -21.53 23.01 0.86
CA PHE C 277 -22.86 22.53 1.24
C PHE C 277 -23.45 21.55 0.24
N ASP C 278 -23.04 21.64 -1.03
CA ASP C 278 -23.63 20.77 -2.04
C ASP C 278 -23.34 19.30 -1.76
N SER C 279 -22.11 18.99 -1.34
CA SER C 279 -21.77 17.60 -1.03
C SER C 279 -22.60 17.07 0.13
N ILE C 280 -22.82 17.90 1.15
CA ILE C 280 -23.62 17.44 2.29
C ILE C 280 -25.08 17.25 1.89
N TYR C 281 -25.62 18.19 1.09
CA TYR C 281 -27.00 18.03 0.64
C TYR C 281 -27.17 16.77 -0.20
N PHE C 282 -26.24 16.51 -1.11
CA PHE C 282 -26.36 15.35 -1.98
C PHE C 282 -26.20 14.04 -1.20
N GLY C 283 -25.57 14.08 -0.04
CA GLY C 283 -25.46 12.91 0.81
C GLY C 283 -24.18 12.13 0.69
N LEU C 284 -23.20 12.63 -0.06
CA LEU C 284 -21.95 11.89 -0.24
C LEU C 284 -21.08 11.88 1.02
N CYS C 285 -21.43 12.65 2.04
CA CYS C 285 -20.62 12.71 3.25
C CYS C 285 -21.11 11.79 4.36
N GLY C 286 -22.13 10.98 4.11
CA GLY C 286 -22.67 10.14 5.17
C GLY C 286 -23.05 8.73 4.78
N PHE C 287 -22.40 8.17 3.76
CA PHE C 287 -22.66 6.80 3.36
C PHE C 287 -21.54 5.85 3.77
N ASN C 288 -20.40 6.38 4.20
CA ASN C 288 -19.34 5.54 4.76
C ASN C 288 -19.50 5.34 6.26
N SER C 289 -20.18 6.26 6.94
CA SER C 289 -20.31 6.16 8.39
C SER C 289 -21.34 5.09 8.77
N THR C 290 -22.42 4.98 7.99
CA THR C 290 -23.48 4.03 8.34
C THR C 290 -22.97 2.60 8.36
N LEU C 291 -22.19 2.23 7.34
CA LEU C 291 -21.69 0.86 7.27
C LEU C 291 -20.76 0.56 8.43
N ALA C 292 -19.87 1.50 8.77
CA ALA C 292 -18.96 1.28 9.89
C ALA C 292 -19.71 1.16 11.19
N CYS C 293 -20.71 2.03 11.40
CA CYS C 293 -21.47 1.97 12.64
C CYS C 293 -22.22 0.65 12.76
N ILE C 294 -22.83 0.19 11.67
CA ILE C 294 -23.53 -1.09 11.72
C ILE C 294 -22.57 -2.23 11.99
N ALA C 295 -21.41 -2.22 11.34
CA ALA C 295 -20.47 -3.33 11.48
C ALA C 295 -19.92 -3.42 12.89
N ILE C 296 -19.57 -2.27 13.49
CA ILE C 296 -18.92 -2.33 14.79
C ILE C 296 -19.94 -2.42 15.91
N GLY C 297 -21.05 -1.72 15.80
CA GLY C 297 -22.02 -1.63 16.88
C GLY C 297 -22.59 -2.94 17.36
N GLY C 298 -23.35 -3.64 16.51
CA GLY C 298 -24.08 -4.80 16.97
C GLY C 298 -23.68 -6.12 16.37
N MET C 299 -23.08 -6.11 15.19
CA MET C 299 -22.86 -7.36 14.47
C MET C 299 -21.67 -8.14 15.01
N PHE C 300 -20.47 -7.56 14.92
CA PHE C 300 -19.25 -8.29 15.26
C PHE C 300 -18.82 -8.09 16.70
N TYR C 301 -19.54 -7.28 17.47
CA TYR C 301 -19.35 -7.18 18.91
C TYR C 301 -20.67 -7.42 19.59
N VAL C 302 -20.65 -8.07 20.75
CA VAL C 302 -21.88 -8.23 21.52
C VAL C 302 -22.35 -6.86 21.98
N ILE C 303 -23.64 -6.59 21.80
CA ILE C 303 -24.15 -5.24 22.00
C ILE C 303 -24.06 -4.86 23.47
N THR C 304 -23.48 -3.69 23.73
CA THR C 304 -23.37 -3.12 25.07
C THR C 304 -23.00 -1.66 24.89
N TRP C 305 -23.27 -0.85 25.91
CA TRP C 305 -23.11 0.59 25.77
C TRP C 305 -21.67 1.00 25.48
N GLN C 306 -20.70 0.24 26.00
CA GLN C 306 -19.31 0.50 25.64
C GLN C 306 -19.10 0.33 24.14
N THR C 307 -19.63 -0.76 23.59
CA THR C 307 -19.53 -0.96 22.14
C THR C 307 -20.31 0.09 21.38
N HIS C 308 -21.38 0.62 21.97
CA HIS C 308 -22.12 1.71 21.34
C HIS C 308 -21.23 2.94 21.17
N LEU C 309 -20.55 3.33 22.25
CA LEU C 309 -19.63 4.47 22.15
C LEU C 309 -18.51 4.18 21.17
N LEU C 310 -18.00 2.94 21.18
CA LEU C 310 -16.94 2.58 20.25
C LEU C 310 -17.41 2.71 18.81
N ALA C 311 -18.67 2.33 18.55
CA ALA C 311 -19.21 2.44 17.19
C ALA C 311 -19.34 3.89 16.77
N ILE C 312 -19.77 4.77 17.69
CA ILE C 312 -19.84 6.18 17.35
C ILE C 312 -18.46 6.73 17.00
N ALA C 313 -17.45 6.34 17.79
CA ALA C 313 -16.09 6.74 17.46
C ALA C 313 -15.67 6.22 16.10
N CYS C 314 -16.07 4.99 15.77
CA CYS C 314 -15.77 4.44 14.45
C CYS C 314 -16.39 5.27 13.35
N ALA C 315 -17.63 5.73 13.54
CA ALA C 315 -18.27 6.55 12.54
C ALA C 315 -17.49 7.85 12.32
N LEU C 316 -17.08 8.51 13.41
CA LEU C 316 -16.35 9.77 13.26
C LEU C 316 -15.01 9.55 12.54
N PHE C 317 -14.27 8.51 12.94
CA PHE C 317 -12.99 8.24 12.31
C PHE C 317 -13.16 7.93 10.83
N ALA C 318 -14.20 7.15 10.49
CA ALA C 318 -14.47 6.84 9.10
C ALA C 318 -14.78 8.08 8.30
N ALA C 319 -15.55 9.01 8.87
CA ALA C 319 -15.87 10.23 8.13
C ALA C 319 -14.62 11.05 7.84
N TYR C 320 -13.75 11.22 8.84
CA TYR C 320 -12.53 12.00 8.60
C TYR C 320 -11.62 11.32 7.58
N LEU C 321 -11.45 10.01 7.69
CA LEU C 321 -10.63 9.30 6.70
C LEU C 321 -11.26 9.40 5.32
N GLY C 322 -12.59 9.45 5.25
CA GLY C 322 -13.25 9.61 3.96
C GLY C 322 -12.94 10.94 3.32
N ALA C 323 -12.98 12.02 4.11
CA ALA C 323 -12.58 13.31 3.57
C ALA C 323 -11.15 13.28 3.07
N ALA C 324 -10.25 12.68 3.86
CA ALA C 324 -8.84 12.65 3.48
C ALA C 324 -8.64 11.90 2.16
N LEU C 325 -9.22 10.71 2.05
CA LEU C 325 -9.06 9.93 0.82
C LEU C 325 -9.74 10.59 -0.37
N ALA C 326 -10.86 11.28 -0.14
CA ALA C 326 -11.52 11.98 -1.24
C ALA C 326 -10.63 13.07 -1.80
N ASN C 327 -9.95 13.81 -0.93
CA ASN C 327 -9.04 14.85 -1.43
C ASN C 327 -7.80 14.24 -2.07
N MET C 328 -7.30 13.13 -1.54
CA MET C 328 -6.07 12.57 -2.10
C MET C 328 -6.27 11.90 -3.45
N LEU C 329 -7.34 11.12 -3.61
CA LEU C 329 -7.53 10.35 -4.83
C LEU C 329 -8.03 11.18 -6.00
N SER C 330 -8.34 12.46 -5.79
CA SER C 330 -8.85 13.29 -6.87
C SER C 330 -7.80 13.60 -7.92
N VAL C 331 -6.51 13.38 -7.63
CA VAL C 331 -5.49 13.67 -8.62
C VAL C 331 -5.56 12.69 -9.78
N PHE C 332 -5.73 11.40 -9.48
CA PHE C 332 -5.87 10.39 -10.52
C PHE C 332 -7.19 10.49 -11.27
N GLY C 333 -8.18 11.17 -10.71
CA GLY C 333 -9.49 11.24 -11.32
C GLY C 333 -10.46 10.16 -10.89
N LEU C 334 -10.17 9.47 -9.78
CA LEU C 334 -11.02 8.40 -9.27
C LEU C 334 -11.79 8.86 -8.05
N PRO C 335 -12.97 8.29 -7.81
CA PRO C 335 -13.74 8.66 -6.63
C PRO C 335 -13.41 7.74 -5.46
N PRO C 336 -13.63 8.20 -4.23
CA PRO C 336 -13.46 7.30 -3.08
C PRO C 336 -14.71 6.49 -2.81
N CYS C 337 -14.62 5.18 -2.90
CA CYS C 337 -15.79 4.31 -2.79
C CYS C 337 -15.52 3.20 -1.79
N THR C 338 -16.03 3.37 -0.57
CA THR C 338 -16.05 2.33 0.45
C THR C 338 -14.65 1.88 0.84
N TRP C 339 -13.65 2.72 0.61
CA TRP C 339 -12.32 2.48 1.16
C TRP C 339 -12.27 2.87 2.64
N PRO C 340 -12.77 4.06 3.02
CA PRO C 340 -12.70 4.42 4.44
C PRO C 340 -13.41 3.46 5.36
N PHE C 341 -14.58 2.95 4.94
CA PHE C 341 -15.30 1.99 5.76
C PHE C 341 -14.47 0.74 5.99
N CYS C 342 -13.89 0.19 4.92
CA CYS C 342 -13.09 -1.01 5.06
C CYS C 342 -11.92 -0.79 6.01
N LEU C 343 -11.16 0.28 5.79
CA LEU C 343 -9.98 0.49 6.62
C LEU C 343 -10.35 0.75 8.08
N SER C 344 -11.38 1.57 8.33
CA SER C 344 -11.75 1.88 9.71
C SER C 344 -12.30 0.65 10.42
N ALA C 345 -13.20 -0.09 9.77
CA ALA C 345 -13.76 -1.29 10.39
C ALA C 345 -12.68 -2.33 10.66
N LEU C 346 -11.71 -2.49 9.74
CA LEU C 346 -10.63 -3.41 10.00
C LEU C 346 -9.75 -2.96 11.15
N THR C 347 -9.49 -1.65 11.25
CA THR C 347 -8.61 -1.19 12.32
C THR C 347 -9.29 -1.14 13.68
N PHE C 348 -10.61 -1.19 13.75
CA PHE C 348 -11.26 -1.30 15.05
C PHE C 348 -11.70 -2.70 15.42
N LEU C 349 -11.42 -3.71 14.60
CA LEU C 349 -11.64 -5.10 14.99
C LEU C 349 -10.34 -5.78 15.41
N LEU C 350 -9.19 -5.14 15.22
CA LEU C 350 -7.92 -5.67 15.67
C LEU C 350 -7.49 -5.13 17.02
N LEU C 351 -8.23 -4.16 17.57
CA LEU C 351 -7.89 -3.61 18.86
C LEU C 351 -8.17 -4.62 19.97
N THR C 352 -7.26 -4.70 20.93
CA THR C 352 -7.36 -5.64 22.05
C THR C 352 -7.36 -4.86 23.35
N THR C 353 -8.32 -5.15 24.21
CA THR C 353 -8.45 -4.48 25.51
C THR C 353 -8.70 -5.51 26.59
N ASN C 354 -8.41 -5.12 27.82
CA ASN C 354 -8.64 -5.96 28.99
C ASN C 354 -10.02 -5.80 29.59
N ASN C 355 -10.84 -4.92 29.04
CA ASN C 355 -12.19 -4.74 29.58
C ASN C 355 -13.01 -5.97 29.23
N PRO C 356 -13.66 -6.61 30.22
CA PRO C 356 -14.41 -7.84 29.93
C PRO C 356 -15.69 -7.60 29.16
N ALA C 357 -16.15 -6.37 29.03
CA ALA C 357 -17.42 -6.10 28.36
C ALA C 357 -17.28 -5.97 26.85
N ILE C 358 -16.07 -5.83 26.32
CA ILE C 358 -15.85 -5.71 24.88
C ILE C 358 -15.45 -7.11 24.40
N TYR C 359 -16.44 -7.89 23.99
CA TYR C 359 -16.23 -9.26 23.58
C TYR C 359 -16.35 -9.37 22.06
N LYS C 360 -15.40 -10.05 21.45
CA LYS C 360 -15.38 -10.22 19.99
C LYS C 360 -15.85 -11.63 19.67
N LEU C 361 -16.92 -11.74 18.90
CA LEU C 361 -17.49 -13.03 18.57
C LEU C 361 -16.65 -13.75 17.50
N PRO C 362 -16.62 -15.07 17.53
CA PRO C 362 -16.02 -15.80 16.42
C PRO C 362 -16.85 -15.65 15.15
N LEU C 363 -16.18 -15.76 14.01
CA LEU C 363 -16.87 -15.56 12.74
C LEU C 363 -17.83 -16.69 12.40
N SER C 364 -17.81 -17.78 13.15
CA SER C 364 -18.67 -18.90 12.85
C SER C 364 -20.05 -18.78 13.46
N LYS C 365 -20.34 -17.71 14.20
CA LYS C 365 -21.60 -17.59 14.92
C LYS C 365 -22.35 -16.30 14.67
N VAL C 366 -21.78 -15.33 13.95
CA VAL C 366 -22.44 -14.04 13.79
C VAL C 366 -23.63 -14.19 12.85
N THR C 367 -24.83 -13.95 13.38
CA THR C 367 -26.04 -14.05 12.57
C THR C 367 -26.77 -12.72 12.48
N TYR C 368 -27.18 -12.14 13.61
CA TYR C 368 -27.69 -10.78 13.69
C TYR C 368 -27.81 -10.42 15.18
N PRO C 369 -27.82 -9.12 15.51
CA PRO C 369 -27.45 -8.72 16.89
C PRO C 369 -28.23 -9.38 18.01
N GLU C 370 -29.54 -9.56 17.87
CA GLU C 370 -30.30 -10.18 18.96
C GLU C 370 -29.88 -11.62 19.17
N ALA C 371 -29.69 -12.37 18.08
CA ALA C 371 -29.23 -13.74 18.21
C ALA C 371 -27.84 -13.79 18.84
N ASN C 372 -26.97 -12.86 18.47
CA ASN C 372 -25.65 -12.81 19.08
C ASN C 372 -25.74 -12.54 20.57
N ARG C 373 -26.62 -11.63 20.97
CA ARG C 373 -26.83 -11.35 22.38
C ARG C 373 -27.28 -12.60 23.14
N ILE C 374 -28.28 -13.29 22.60
CA ILE C 374 -28.82 -14.45 23.32
C ILE C 374 -27.80 -15.56 23.38
N TYR C 375 -27.00 -15.72 22.32
CA TYR C 375 -25.97 -16.75 22.31
C TYR C 375 -24.89 -16.44 23.34
N TYR C 376 -24.48 -15.17 23.44
CA TYR C 376 -23.48 -14.81 24.43
C TYR C 376 -24.00 -15.02 25.84
N LEU C 377 -25.26 -14.66 26.09
CA LEU C 377 -25.79 -14.79 27.44
C LEU C 377 -26.00 -16.24 27.83
N SER C 378 -26.34 -17.09 26.86
CA SER C 378 -26.70 -18.48 27.18
C SER C 378 -25.54 -19.22 27.83
N GLN C 379 -24.34 -19.09 27.27
CA GLN C 379 -23.21 -19.86 27.77
C GLN C 379 -22.20 -18.98 28.48
#